data_4YP9
#
_entry.id   4YP9
#
_cell.length_a   104.732
_cell.length_b   104.732
_cell.length_c   69.532
_cell.angle_alpha   90.00
_cell.angle_beta   90.00
_cell.angle_gamma   90.00
#
_symmetry.space_group_name_H-M   'P 43'
#
loop_
_entity.id
_entity.type
_entity.pdbx_description
1 polymer 'Autoinducer 2-binding periplasmic protein LuxP'
2 non-polymer 'MAGNESIUM ION'
3 non-polymer 1-deoxy-alpha-L-xylulofuranose-1,2-borate
4 non-polymer 'CALCIUM ION'
5 water water
#
_entity_poly.entity_id   1
_entity_poly.type   'polypeptide(L)'
_entity_poly.pdbx_seq_one_letter_code
;GSMVLNGYWGYQEFLDEFPEQRNLTNALSEAVRAQPVPLSKPTQRPIKISVVYPGQQVSDYWVRNIASFEKRLYKLNINY
QLNQVFTRPNADIKQQSLSLMEALKSKSDYLIFTLDTTRHRKFVEHVLDSTNTKLILQNITTPVREWDKHQPFLYVGFDH
AEGSRELATEFGKFFPKHTYYSVLYFSEGYISDVRGDTFIHQVNRDNNFELQSAYYTKATKQSGYDAAKASLAKHPDVDF
IYACSTDVALGAVDALAELGREDIMINGWGGGSAELDAIQKGDLDITVMRMNDDTGIAMAEAIKWDLEDKPVPTVYSGDF
EIVTKADSPERIEALKKRAFRYSDN
;
_entity_poly.pdbx_strand_id   A,B
#
loop_
_chem_comp.id
_chem_comp.type
_chem_comp.name
_chem_comp.formula
A1B non-polymer 1-deoxy-alpha-L-xylulofuranose-1,2-borate 'C5 H10 B O6 -1'
CA non-polymer 'CALCIUM ION' 'Ca 2'
MG non-polymer 'MAGNESIUM ION' 'Mg 2'
#
# COMPACT_ATOMS: atom_id res chain seq x y z
N MET A 3 -26.74 17.83 15.61
CA MET A 3 -26.13 18.48 16.76
C MET A 3 -25.38 19.75 16.34
N VAL A 4 -24.95 19.80 15.07
CA VAL A 4 -24.08 20.89 14.61
C VAL A 4 -24.49 21.42 13.23
N LEU A 5 -25.05 20.55 12.39
CA LEU A 5 -25.62 20.95 11.11
C LEU A 5 -27.06 20.47 10.98
N ASN A 6 -27.90 21.27 10.31
CA ASN A 6 -29.26 20.85 10.00
C ASN A 6 -29.35 20.17 8.65
N GLY A 7 -30.25 19.19 8.55
CA GLY A 7 -30.53 18.53 7.30
C GLY A 7 -29.82 17.21 7.12
N TYR A 8 -29.39 16.62 8.22
CA TYR A 8 -28.72 15.33 8.18
C TYR A 8 -29.24 14.42 9.26
N TRP A 9 -29.17 13.12 9.00
CA TRP A 9 -29.39 12.11 10.03
C TRP A 9 -28.07 11.85 10.77
N GLY A 10 -28.13 11.72 12.08
CA GLY A 10 -26.98 11.19 12.79
C GLY A 10 -26.83 9.74 12.39
N TYR A 11 -25.59 9.27 12.25
CA TYR A 11 -25.30 7.86 11.99
C TYR A 11 -26.17 6.98 12.88
N GLN A 12 -25.94 7.05 14.19
CA GLN A 12 -26.74 6.28 15.14
C GLN A 12 -28.22 6.66 15.09
N GLU A 13 -28.52 7.93 14.83
CA GLU A 13 -29.90 8.36 14.73
C GLU A 13 -30.56 7.66 13.56
N PHE A 14 -29.80 7.54 12.48
CA PHE A 14 -30.28 6.89 11.27
C PHE A 14 -30.57 5.44 11.63
N LEU A 15 -29.57 4.77 12.17
CA LEU A 15 -29.72 3.37 12.56
C LEU A 15 -30.86 3.12 13.56
N ASP A 16 -31.11 4.08 14.46
CA ASP A 16 -32.22 3.93 15.42
C ASP A 16 -33.59 4.18 14.78
N GLU A 17 -33.63 5.11 13.82
CA GLU A 17 -34.86 5.44 13.13
C GLU A 17 -35.31 4.30 12.20
N PHE A 18 -34.34 3.64 11.56
CA PHE A 18 -34.61 2.56 10.60
C PHE A 18 -33.93 1.26 10.99
N PRO A 19 -34.54 0.46 11.87
CA PRO A 19 -33.90 -0.74 12.42
C PRO A 19 -33.33 -1.70 11.37
N GLU A 20 -33.94 -1.71 10.18
CA GLU A 20 -33.48 -2.56 9.09
C GLU A 20 -32.06 -2.12 8.73
N GLN A 21 -31.85 -0.81 8.73
CA GLN A 21 -30.55 -0.26 8.36
C GLN A 21 -29.49 -0.65 9.39
N ARG A 22 -29.88 -0.66 10.67
CA ARG A 22 -28.97 -1.16 11.70
C ARG A 22 -28.63 -2.62 11.44
N ASN A 23 -29.66 -3.42 11.14
CA ASN A 23 -29.43 -4.83 10.81
C ASN A 23 -28.46 -5.05 9.65
N LEU A 24 -28.67 -4.31 8.57
CA LEU A 24 -27.76 -4.38 7.43
C LEU A 24 -26.34 -3.91 7.81
N THR A 25 -26.23 -2.73 8.41
CA THR A 25 -24.92 -2.18 8.76
C THR A 25 -24.13 -3.12 9.69
N ASN A 26 -24.83 -3.73 10.64
CA ASN A 26 -24.23 -4.77 11.48
C ASN A 26 -23.80 -5.94 10.61
N ALA A 27 -24.67 -6.37 9.70
CA ALA A 27 -24.37 -7.50 8.85
C ALA A 27 -23.10 -7.22 8.05
N LEU A 28 -23.00 -6.00 7.56
CA LEU A 28 -21.85 -5.60 6.78
C LEU A 28 -20.60 -5.51 7.66
N SER A 29 -20.76 -4.99 8.88
CA SER A 29 -19.64 -4.94 9.84
C SER A 29 -19.04 -6.33 10.03
N GLU A 30 -19.92 -7.29 10.31
CA GLU A 30 -19.51 -8.68 10.43
C GLU A 30 -18.89 -9.20 9.14
N ALA A 31 -19.48 -8.89 8.00
CA ALA A 31 -18.89 -9.34 6.75
C ALA A 31 -17.54 -8.68 6.51
N VAL A 32 -17.34 -7.50 7.09
CA VAL A 32 -16.08 -6.77 6.97
C VAL A 32 -15.00 -7.35 7.89
N ARG A 33 -15.42 -7.85 9.05
CA ARG A 33 -14.50 -8.53 9.97
C ARG A 33 -14.08 -9.95 9.54
N ALA A 34 -15.04 -10.78 9.13
CA ALA A 34 -14.77 -12.20 8.88
C ALA A 34 -13.96 -12.43 7.63
N GLN A 35 -13.54 -13.67 7.41
CA GLN A 35 -12.77 -14.01 6.22
C GLN A 35 -13.61 -13.67 5.01
N PRO A 36 -12.97 -13.29 3.91
CA PRO A 36 -13.65 -13.09 2.62
C PRO A 36 -14.49 -14.30 2.19
N VAL A 37 -15.74 -14.03 1.83
CA VAL A 37 -16.60 -15.01 1.18
C VAL A 37 -16.78 -14.55 -0.26
N PRO A 38 -16.09 -15.20 -1.21
CA PRO A 38 -16.11 -14.73 -2.60
C PRO A 38 -17.49 -14.61 -3.24
N LEU A 39 -17.54 -13.77 -4.27
CA LEU A 39 -18.73 -13.51 -5.07
C LEU A 39 -19.40 -14.77 -5.58
N SER A 40 -20.72 -14.86 -5.36
CA SER A 40 -21.50 -16.04 -5.71
C SER A 40 -22.22 -15.90 -7.05
N LYS A 41 -21.99 -14.82 -7.76
CA LYS A 41 -22.66 -14.57 -9.02
C LYS A 41 -21.70 -13.96 -10.05
N PRO A 42 -21.10 -14.80 -10.90
CA PRO A 42 -20.15 -14.30 -11.91
C PRO A 42 -20.75 -13.16 -12.71
N THR A 43 -19.97 -12.11 -12.94
CA THR A 43 -20.42 -11.00 -13.79
C THR A 43 -20.04 -11.29 -15.24
N GLN A 44 -20.85 -10.77 -16.17
CA GLN A 44 -20.65 -11.07 -17.58
C GLN A 44 -19.38 -10.38 -18.07
N ARG A 45 -19.15 -9.16 -17.57
CA ARG A 45 -17.91 -8.44 -17.84
C ARG A 45 -17.43 -7.75 -16.57
N PRO A 46 -16.21 -7.20 -16.59
CA PRO A 46 -15.75 -6.35 -15.50
C PRO A 46 -16.75 -5.27 -15.14
N ILE A 47 -16.76 -4.86 -13.88
CA ILE A 47 -17.54 -3.71 -13.47
C ILE A 47 -16.65 -2.47 -13.53
N LYS A 48 -17.18 -1.37 -14.07
CA LYS A 48 -16.43 -0.12 -14.18
C LYS A 48 -16.61 0.73 -12.92
N ILE A 49 -15.54 0.87 -12.13
CA ILE A 49 -15.56 1.65 -10.90
C ILE A 49 -14.67 2.86 -11.05
N SER A 50 -15.20 4.05 -10.76
CA SER A 50 -14.40 5.27 -10.87
C SER A 50 -14.25 5.99 -9.53
N VAL A 51 -13.01 6.36 -9.21
CA VAL A 51 -12.73 7.07 -7.97
C VAL A 51 -12.21 8.46 -8.26
N VAL A 52 -12.74 9.44 -7.54
CA VAL A 52 -12.12 10.77 -7.54
C VAL A 52 -11.69 11.15 -6.13
N TYR A 53 -10.37 11.26 -5.92
CA TYR A 53 -9.88 11.54 -4.57
C TYR A 53 -8.84 12.65 -4.50
N PRO A 54 -8.83 13.39 -3.37
CA PRO A 54 -7.89 14.49 -3.20
C PRO A 54 -6.45 13.99 -3.23
N GLY A 55 -5.62 14.63 -4.03
CA GLY A 55 -4.30 14.13 -4.32
C GLY A 55 -3.21 14.71 -3.45
N GLN A 56 -2.07 14.03 -3.42
CA GLN A 56 -0.87 14.51 -2.75
C GLN A 56 -1.14 15.10 -1.37
N GLN A 57 -1.95 14.40 -0.58
CA GLN A 57 -2.08 14.70 0.85
C GLN A 57 -1.00 13.94 1.61
N VAL A 58 -0.56 14.50 2.74
CA VAL A 58 0.32 13.78 3.64
C VAL A 58 -0.47 12.70 4.38
N SER A 59 -1.75 12.98 4.59
CA SER A 59 -2.65 11.95 5.10
C SER A 59 -2.73 10.80 4.12
N ASP A 60 -2.68 9.58 4.64
CA ASP A 60 -2.63 8.40 3.78
C ASP A 60 -3.99 7.71 3.69
N TYR A 61 -5.04 8.40 4.14
CA TYR A 61 -6.36 7.80 4.24
C TYR A 61 -6.80 7.21 2.90
N TRP A 62 -6.79 8.05 1.87
CA TRP A 62 -7.32 7.69 0.56
C TRP A 62 -6.57 6.54 -0.12
N VAL A 63 -5.25 6.64 -0.17
CA VAL A 63 -4.46 5.61 -0.83
C VAL A 63 -4.60 4.27 -0.11
N ARG A 64 -4.68 4.32 1.22
CA ARG A 64 -4.89 3.09 1.98
C ARG A 64 -6.31 2.57 1.76
N ASN A 65 -7.25 3.50 1.62
CA ASN A 65 -8.62 3.11 1.31
C ASN A 65 -8.74 2.38 -0.01
N ILE A 66 -8.08 2.90 -1.04
CA ILE A 66 -8.09 2.25 -2.34
C ILE A 66 -7.33 0.94 -2.26
N ALA A 67 -6.23 0.92 -1.52
CA ALA A 67 -5.47 -0.30 -1.39
C ALA A 67 -6.36 -1.38 -0.83
N SER A 68 -6.86 -1.16 0.37
CA SER A 68 -7.70 -2.15 1.05
C SER A 68 -8.95 -2.51 0.23
N PHE A 69 -9.51 -1.51 -0.45
CA PHE A 69 -10.62 -1.72 -1.37
C PHE A 69 -10.28 -2.73 -2.45
N GLU A 70 -9.23 -2.45 -3.21
CA GLU A 70 -8.85 -3.30 -4.32
C GLU A 70 -8.47 -4.68 -3.83
N LYS A 71 -7.80 -4.75 -2.68
CA LYS A 71 -7.38 -6.03 -2.17
C LYS A 71 -8.59 -6.88 -1.78
N ARG A 72 -9.55 -6.28 -1.09
CA ARG A 72 -10.75 -7.03 -0.76
C ARG A 72 -11.51 -7.41 -2.04
N LEU A 73 -11.56 -6.48 -3.01
CA LEU A 73 -12.18 -6.81 -4.29
C LEU A 73 -11.56 -8.08 -4.85
N TYR A 74 -10.24 -8.10 -4.94
CA TYR A 74 -9.49 -9.24 -5.45
C TYR A 74 -9.81 -10.51 -4.67
N LYS A 75 -9.76 -10.42 -3.35
CA LYS A 75 -10.02 -11.58 -2.50
C LYS A 75 -11.44 -12.12 -2.67
N LEU A 76 -12.37 -11.24 -3.06
CA LEU A 76 -13.76 -11.63 -3.27
C LEU A 76 -14.00 -12.18 -4.68
N ASN A 77 -12.95 -12.16 -5.50
CA ASN A 77 -13.01 -12.69 -6.87
C ASN A 77 -13.97 -11.92 -7.76
N ILE A 78 -13.83 -10.61 -7.75
CA ILE A 78 -14.68 -9.74 -8.54
C ILE A 78 -13.84 -9.11 -9.63
N ASN A 79 -14.26 -9.24 -10.87
CA ASN A 79 -13.56 -8.61 -11.97
C ASN A 79 -13.98 -7.17 -12.08
N TYR A 80 -13.00 -6.26 -12.07
CA TYR A 80 -13.32 -4.84 -12.15
C TYR A 80 -12.32 -4.07 -13.01
N GLN A 81 -12.69 -2.84 -13.34
CA GLN A 81 -11.78 -1.87 -13.92
C GLN A 81 -11.86 -0.62 -13.06
N LEU A 82 -10.72 -0.17 -12.56
CA LEU A 82 -10.69 0.97 -11.65
C LEU A 82 -10.14 2.17 -12.38
N ASN A 83 -10.94 3.23 -12.47
CA ASN A 83 -10.48 4.50 -13.02
C ASN A 83 -10.24 5.49 -11.88
N GLN A 84 -8.96 5.73 -11.56
CA GLN A 84 -8.57 6.61 -10.46
C GLN A 84 -8.24 8.03 -10.91
N VAL A 85 -8.78 9.04 -10.22
CA VAL A 85 -8.34 10.41 -10.48
C VAL A 85 -7.77 11.13 -9.26
N PHE A 86 -6.58 11.70 -9.49
CA PHE A 86 -5.75 12.36 -8.49
C PHE A 86 -6.04 13.86 -8.55
N THR A 87 -6.92 14.38 -7.71
CA THR A 87 -7.26 15.79 -7.82
C THR A 87 -6.25 16.68 -7.11
N ARG A 88 -5.43 17.36 -7.91
CA ARG A 88 -4.34 18.21 -7.41
C ARG A 88 -4.84 19.16 -6.32
N PRO A 89 -3.99 19.45 -5.32
CA PRO A 89 -4.41 20.25 -4.15
C PRO A 89 -5.04 21.62 -4.48
N ASN A 90 -6.23 21.58 -5.09
CA ASN A 90 -7.09 22.77 -5.23
C ASN A 90 -6.53 23.90 -6.10
N ALA A 91 -7.31 24.26 -7.13
CA ALA A 91 -7.05 25.46 -7.92
C ALA A 91 -8.21 25.71 -8.89
N SER A 97 -10.70 24.06 -10.04
CA SER A 97 -11.23 23.46 -11.26
C SER A 97 -12.44 22.58 -10.97
N LEU A 98 -12.17 21.37 -10.46
CA LEU A 98 -13.17 20.32 -10.18
C LEU A 98 -14.04 19.89 -11.36
N SER A 99 -13.92 20.58 -12.50
CA SER A 99 -14.64 20.20 -13.70
C SER A 99 -13.99 18.96 -14.33
N LEU A 100 -12.95 18.46 -13.66
CA LEU A 100 -12.44 17.12 -13.93
C LEU A 100 -13.31 16.07 -13.25
N MET A 101 -14.55 16.45 -12.94
CA MET A 101 -15.61 15.48 -12.70
C MET A 101 -16.19 15.12 -14.07
N GLU A 102 -15.27 14.75 -14.96
CA GLU A 102 -15.53 14.34 -16.31
C GLU A 102 -15.55 12.82 -16.32
N ALA A 103 -15.54 12.24 -15.12
CA ALA A 103 -15.67 10.79 -14.94
C ALA A 103 -17.13 10.37 -15.09
N LEU A 104 -17.97 11.30 -15.53
CA LEU A 104 -19.32 10.97 -15.94
C LEU A 104 -19.26 10.39 -17.34
N LYS A 105 -18.35 10.91 -18.16
CA LYS A 105 -18.15 10.40 -19.50
C LYS A 105 -17.78 8.91 -19.45
N SER A 106 -17.26 8.48 -18.31
CA SER A 106 -16.83 7.10 -18.09
C SER A 106 -18.00 6.10 -18.09
N LYS A 107 -19.20 6.58 -17.77
CA LYS A 107 -20.38 5.72 -17.69
C LYS A 107 -20.13 4.58 -16.72
N SER A 108 -19.56 4.90 -15.56
CA SER A 108 -19.19 3.89 -14.58
C SER A 108 -20.38 3.21 -13.92
N ASP A 109 -20.13 2.04 -13.35
CA ASP A 109 -21.17 1.29 -12.66
C ASP A 109 -21.21 1.76 -11.22
N TYR A 110 -20.03 2.01 -10.66
CA TYR A 110 -19.89 2.53 -9.31
C TYR A 110 -19.01 3.77 -9.34
N LEU A 111 -19.47 4.82 -8.66
CA LEU A 111 -18.70 6.05 -8.54
C LEU A 111 -18.35 6.27 -7.07
N ILE A 112 -17.07 6.32 -6.76
CA ILE A 112 -16.59 6.69 -5.42
C ILE A 112 -16.12 8.14 -5.39
N PHE A 113 -16.79 8.92 -4.56
CA PHE A 113 -16.56 10.38 -4.51
C PHE A 113 -16.53 10.86 -3.05
N THR A 114 -16.48 12.17 -2.86
CA THR A 114 -16.58 12.78 -1.53
C THR A 114 -17.70 13.83 -1.46
N LEU A 115 -17.97 14.33 -0.26
CA LEU A 115 -18.94 15.42 -0.08
C LEU A 115 -18.51 16.35 1.05
N ASP A 116 -17.68 17.33 0.71
CA ASP A 116 -17.18 18.33 1.65
C ASP A 116 -17.88 19.67 1.47
N THR A 117 -18.05 20.09 0.22
CA THR A 117 -18.59 21.43 -0.09
C THR A 117 -19.95 21.36 -0.78
N THR A 118 -20.44 22.52 -1.23
CA THR A 118 -21.69 22.60 -1.98
C THR A 118 -21.41 22.25 -3.44
N ARG A 119 -20.24 22.70 -3.91
CA ARG A 119 -19.77 22.40 -5.26
C ARG A 119 -19.88 20.90 -5.48
N HIS A 120 -19.76 20.15 -4.39
CA HIS A 120 -19.98 18.72 -4.42
C HIS A 120 -21.49 18.42 -4.43
N ARG A 121 -22.24 19.07 -3.55
CA ARG A 121 -23.69 18.84 -3.44
C ARG A 121 -24.39 18.89 -4.80
N LYS A 122 -24.14 19.97 -5.53
CA LYS A 122 -24.79 20.15 -6.82
C LYS A 122 -24.52 18.94 -7.72
N PHE A 123 -23.23 18.60 -7.85
CA PHE A 123 -22.79 17.46 -8.66
C PHE A 123 -23.41 16.12 -8.19
N VAL A 124 -23.43 15.88 -6.89
CA VAL A 124 -24.08 14.67 -6.35
C VAL A 124 -25.54 14.61 -6.77
N GLU A 125 -26.28 15.70 -6.56
CA GLU A 125 -27.67 15.78 -7.02
C GLU A 125 -27.78 15.49 -8.53
N HIS A 126 -26.82 16.00 -9.31
CA HIS A 126 -26.74 15.61 -10.72
C HIS A 126 -26.58 14.08 -10.88
N VAL A 127 -25.63 13.48 -10.17
CA VAL A 127 -25.42 12.03 -10.30
C VAL A 127 -26.65 11.21 -9.87
N LEU A 128 -27.32 11.67 -8.82
CA LEU A 128 -28.48 10.97 -8.30
C LEU A 128 -29.70 11.09 -9.19
N ASP A 129 -29.96 12.30 -9.70
CA ASP A 129 -31.19 12.54 -10.46
C ASP A 129 -31.10 12.23 -11.96
N SER A 130 -29.93 11.81 -12.42
CA SER A 130 -29.72 11.62 -13.86
C SER A 130 -29.31 10.19 -14.18
N THR A 131 -28.13 9.79 -13.76
CA THR A 131 -27.55 8.53 -14.21
C THR A 131 -28.06 7.30 -13.48
N ASN A 132 -27.62 6.15 -13.99
CA ASN A 132 -27.88 4.87 -13.38
C ASN A 132 -26.68 4.42 -12.55
N THR A 133 -25.69 5.31 -12.42
CA THR A 133 -24.46 4.99 -11.71
C THR A 133 -24.71 5.00 -10.21
N LYS A 134 -24.29 3.93 -9.54
CA LYS A 134 -24.41 3.83 -8.09
C LYS A 134 -23.31 4.65 -7.41
N LEU A 135 -23.74 5.53 -6.49
CA LEU A 135 -22.85 6.50 -5.87
C LEU A 135 -22.43 6.13 -4.45
N ILE A 136 -21.12 6.05 -4.24
CA ILE A 136 -20.54 5.83 -2.91
C ILE A 136 -19.83 7.08 -2.40
N LEU A 137 -20.33 7.57 -1.27
CA LEU A 137 -19.84 8.80 -0.67
C LEU A 137 -18.90 8.50 0.49
N GLN A 138 -17.62 8.68 0.22
CA GLN A 138 -16.59 8.39 1.20
C GLN A 138 -16.48 9.57 2.16
N ASN A 139 -16.10 9.28 3.39
CA ASN A 139 -15.79 10.33 4.35
C ASN A 139 -16.99 11.16 4.72
N ILE A 140 -18.14 10.49 4.78
CA ILE A 140 -19.33 11.04 5.39
C ILE A 140 -20.21 9.85 5.80
N THR A 141 -20.96 9.98 6.88
CA THR A 141 -21.70 8.85 7.43
C THR A 141 -23.06 9.27 7.99
N THR A 142 -23.41 10.52 7.73
CA THR A 142 -24.65 11.13 8.17
C THR A 142 -25.51 11.42 6.95
N PRO A 143 -26.46 10.53 6.62
CA PRO A 143 -27.25 10.73 5.40
C PRO A 143 -28.05 12.04 5.36
N VAL A 144 -28.22 12.56 4.15
CA VAL A 144 -28.94 13.80 3.90
C VAL A 144 -30.44 13.54 3.84
N ARG A 145 -31.22 14.36 4.56
CA ARG A 145 -32.67 14.18 4.62
C ARG A 145 -33.40 14.48 3.30
N GLU A 146 -32.96 15.48 2.56
CA GLU A 146 -33.53 15.79 1.24
C GLU A 146 -33.54 14.58 0.31
N TRP A 147 -32.64 13.64 0.57
CA TRP A 147 -32.45 12.49 -0.32
C TRP A 147 -33.14 11.25 0.22
N ASP A 148 -34.12 11.44 1.11
CA ASP A 148 -34.80 10.33 1.76
C ASP A 148 -35.51 9.41 0.78
N LYS A 149 -35.86 9.93 -0.39
CA LYS A 149 -36.53 9.13 -1.40
C LYS A 149 -35.55 8.35 -2.27
N HIS A 150 -34.45 9.00 -2.64
CA HIS A 150 -33.38 8.30 -3.35
C HIS A 150 -32.03 8.59 -2.69
N GLN A 151 -31.68 7.81 -1.67
CA GLN A 151 -30.37 7.93 -1.03
C GLN A 151 -29.30 7.21 -1.86
N PRO A 152 -28.10 7.80 -1.98
CA PRO A 152 -27.00 7.10 -2.69
C PRO A 152 -26.73 5.69 -2.19
N PHE A 153 -26.01 4.92 -2.99
CA PHE A 153 -25.72 3.52 -2.73
C PHE A 153 -25.11 3.27 -1.35
N LEU A 154 -24.25 4.18 -0.90
CA LEU A 154 -23.60 4.01 0.39
C LEU A 154 -22.90 5.29 0.84
N TYR A 155 -23.04 5.62 2.12
CA TYR A 155 -22.17 6.60 2.76
C TYR A 155 -21.20 5.77 3.57
N VAL A 156 -19.90 6.05 3.41
CA VAL A 156 -18.87 5.28 4.12
C VAL A 156 -17.76 6.19 4.65
N GLY A 157 -17.26 5.84 5.83
CA GLY A 157 -16.18 6.59 6.44
C GLY A 157 -16.11 6.38 7.93
N PHE A 158 -15.36 7.26 8.60
CA PHE A 158 -15.24 7.24 10.04
C PHE A 158 -15.85 8.51 10.59
N ASP A 159 -16.98 8.35 11.27
CA ASP A 159 -17.87 9.44 11.63
C ASP A 159 -17.19 10.61 12.33
N HIS A 160 -17.26 11.77 11.70
CA HIS A 160 -16.56 12.96 12.17
C HIS A 160 -17.00 13.38 13.56
N ALA A 161 -18.30 13.35 13.80
CA ALA A 161 -18.86 13.79 15.07
C ALA A 161 -18.34 12.94 16.23
N GLU A 162 -18.39 11.61 16.06
CA GLU A 162 -17.89 10.67 17.06
C GLU A 162 -16.40 10.84 17.37
N GLY A 163 -15.59 10.88 16.33
CA GLY A 163 -14.14 10.99 16.47
C GLY A 163 -13.77 12.30 17.11
N SER A 164 -14.49 13.36 16.73
CA SER A 164 -14.29 14.65 17.36
C SER A 164 -14.78 14.65 18.80
N ARG A 165 -15.90 13.98 19.05
CA ARG A 165 -16.46 13.87 20.39
C ARG A 165 -15.43 13.26 21.33
N GLU A 166 -14.87 12.13 20.92
CA GLU A 166 -13.87 11.45 21.73
C GLU A 166 -12.68 12.35 22.10
N LEU A 167 -12.27 13.17 21.14
CA LEU A 167 -11.17 14.09 21.37
C LEU A 167 -11.59 15.13 22.38
N ALA A 168 -12.74 15.75 22.11
CA ALA A 168 -13.28 16.74 23.02
C ALA A 168 -13.31 16.16 24.43
N THR A 169 -13.85 14.95 24.57
CA THR A 169 -13.92 14.27 25.87
C THR A 169 -12.55 14.21 26.52
N GLU A 170 -11.56 13.70 25.80
CA GLU A 170 -10.21 13.62 26.33
C GLU A 170 -9.63 14.99 26.79
N PHE A 171 -9.82 16.02 25.97
CA PHE A 171 -9.37 17.36 26.35
C PHE A 171 -10.10 17.84 27.61
N GLY A 172 -11.43 17.69 27.62
CA GLY A 172 -12.23 18.14 28.76
C GLY A 172 -11.90 17.35 30.02
N LYS A 173 -11.39 16.15 29.82
CA LYS A 173 -10.89 15.34 30.91
C LYS A 173 -9.54 15.88 31.40
N PHE A 174 -8.65 16.25 30.48
CA PHE A 174 -7.32 16.73 30.89
C PHE A 174 -7.27 18.21 31.36
N PHE A 175 -7.94 19.10 30.61
CA PHE A 175 -7.92 20.53 30.91
C PHE A 175 -9.15 20.97 31.67
N PRO A 176 -9.03 22.04 32.50
CA PRO A 176 -10.17 22.43 33.33
C PRO A 176 -11.00 23.56 32.71
N LYS A 177 -11.87 24.16 33.51
CA LYS A 177 -12.74 25.21 32.97
C LYS A 177 -11.88 26.41 32.64
N HIS A 178 -12.30 27.19 31.64
CA HIS A 178 -11.61 28.42 31.24
C HIS A 178 -10.18 28.15 30.71
N THR A 179 -10.01 27.01 30.04
CA THR A 179 -8.79 26.72 29.31
C THR A 179 -8.86 27.37 27.93
N TYR A 180 -7.87 28.17 27.58
CA TYR A 180 -7.88 28.87 26.31
C TYR A 180 -7.43 27.93 25.19
N TYR A 181 -8.12 27.98 24.05
CA TYR A 181 -7.68 27.23 22.88
C TYR A 181 -8.07 27.93 21.56
N SER A 182 -7.35 27.61 20.50
CA SER A 182 -7.69 28.07 19.16
C SER A 182 -7.94 26.86 18.27
N VAL A 183 -8.64 27.07 17.16
CA VAL A 183 -8.99 25.97 16.26
C VAL A 183 -8.53 26.23 14.83
N LEU A 184 -7.82 25.26 14.27
CA LEU A 184 -7.48 25.29 12.87
C LEU A 184 -8.43 24.36 12.10
N TYR A 185 -9.35 24.97 11.36
CA TYR A 185 -10.30 24.21 10.55
C TYR A 185 -9.62 23.54 9.37
N PHE A 186 -10.38 22.72 8.66
CA PHE A 186 -9.97 22.18 7.37
C PHE A 186 -10.19 23.33 6.39
N SER A 187 -10.41 23.03 5.12
CA SER A 187 -10.95 24.02 4.21
C SER A 187 -12.41 24.22 4.61
N GLU A 188 -13.07 25.24 4.08
CA GLU A 188 -14.46 25.50 4.40
C GLU A 188 -15.36 24.41 3.83
N GLY A 189 -16.16 23.79 4.69
CA GLY A 189 -17.12 22.80 4.23
C GLY A 189 -17.66 21.93 5.35
N TYR A 190 -18.16 20.77 4.96
CA TYR A 190 -18.75 19.79 5.88
C TYR A 190 -17.79 19.29 6.96
N ILE A 191 -16.57 18.93 6.55
CA ILE A 191 -15.54 18.43 7.46
C ILE A 191 -15.26 19.43 8.57
N SER A 192 -15.01 20.67 8.17
CA SER A 192 -14.75 21.72 9.13
C SER A 192 -15.92 21.89 10.07
N ASP A 193 -17.11 22.07 9.51
CA ASP A 193 -18.27 22.27 10.35
C ASP A 193 -18.40 21.16 11.40
N VAL A 194 -18.37 19.89 10.98
CA VAL A 194 -18.57 18.83 11.96
C VAL A 194 -17.36 18.64 12.87
N ARG A 195 -16.20 18.36 12.27
CA ARG A 195 -15.00 18.09 13.06
C ARG A 195 -14.71 19.25 13.99
N GLY A 196 -14.89 20.46 13.48
CA GLY A 196 -14.62 21.68 14.22
C GLY A 196 -15.68 22.07 15.26
N ASP A 197 -16.91 22.30 14.82
CA ASP A 197 -17.93 22.78 15.75
C ASP A 197 -18.34 21.69 16.77
N THR A 198 -18.25 20.41 16.41
CA THR A 198 -18.48 19.35 17.41
C THR A 198 -17.54 19.52 18.63
N PHE A 199 -16.24 19.61 18.35
CA PHE A 199 -15.25 19.93 19.37
C PHE A 199 -15.54 21.25 20.09
N ILE A 200 -15.70 22.33 19.34
CA ILE A 200 -15.94 23.63 19.95
C ILE A 200 -17.15 23.61 20.90
N HIS A 201 -18.29 23.11 20.42
CA HIS A 201 -19.50 23.07 21.24
C HIS A 201 -19.31 22.23 22.49
N GLN A 202 -18.79 21.01 22.31
CA GLN A 202 -18.64 20.18 23.49
C GLN A 202 -17.75 20.85 24.51
N VAL A 203 -16.61 21.32 24.04
CA VAL A 203 -15.62 21.81 24.95
C VAL A 203 -16.05 23.14 25.58
N ASN A 204 -16.76 23.98 24.84
CA ASN A 204 -17.25 25.24 25.39
C ASN A 204 -18.42 25.04 26.35
N ARG A 205 -19.40 24.25 25.95
CA ARG A 205 -20.64 24.17 26.70
C ARG A 205 -20.60 23.19 27.87
N ASP A 206 -19.92 22.06 27.69
CA ASP A 206 -19.78 21.09 28.77
C ASP A 206 -18.64 21.41 29.73
N ASN A 207 -17.50 21.82 29.17
CA ASN A 207 -16.27 22.02 29.93
C ASN A 207 -15.89 23.48 30.16
N ASN A 208 -16.65 24.39 29.55
CA ASN A 208 -16.43 25.82 29.78
C ASN A 208 -15.05 26.33 29.37
N PHE A 209 -14.51 25.83 28.27
CA PHE A 209 -13.27 26.39 27.74
C PHE A 209 -13.60 27.74 27.10
N GLU A 210 -12.58 28.46 26.67
CA GLU A 210 -12.79 29.72 25.97
C GLU A 210 -11.98 29.73 24.68
N LEU A 211 -12.69 29.60 23.56
CA LEU A 211 -12.09 29.68 22.22
C LEU A 211 -11.53 31.09 22.05
N GLN A 212 -10.25 31.16 21.66
CA GLN A 212 -9.57 32.42 21.47
C GLN A 212 -9.66 32.86 20.01
N SER A 213 -9.57 31.89 19.12
CA SER A 213 -9.68 32.19 17.70
C SER A 213 -9.89 30.91 16.92
N ALA A 214 -10.27 31.08 15.65
CA ALA A 214 -10.42 29.95 14.76
C ALA A 214 -10.20 30.41 13.33
N TYR A 215 -9.47 29.63 12.55
CA TYR A 215 -9.14 30.00 11.17
C TYR A 215 -9.31 28.83 10.22
N TYR A 216 -9.84 29.12 9.04
CA TYR A 216 -9.87 28.12 7.98
C TYR A 216 -8.49 28.02 7.34
N THR A 217 -8.22 26.88 6.71
CA THR A 217 -6.96 26.62 6.06
C THR A 217 -7.21 26.22 4.61
N LYS A 218 -6.14 25.93 3.88
CA LYS A 218 -6.24 25.41 2.52
C LYS A 218 -5.96 23.91 2.49
N ALA A 219 -6.22 23.26 3.62
CA ALA A 219 -6.12 21.80 3.75
C ALA A 219 -4.73 21.21 3.48
N THR A 220 -3.72 22.07 3.38
CA THR A 220 -2.34 21.61 3.19
C THR A 220 -1.50 21.81 4.44
N LYS A 221 -0.39 21.07 4.51
CA LYS A 221 0.56 21.19 5.60
C LYS A 221 1.07 22.62 5.69
N GLN A 222 1.43 23.18 4.53
CA GLN A 222 1.88 24.56 4.46
C GLN A 222 0.83 25.49 5.09
N SER A 223 -0.41 25.32 4.69
CA SER A 223 -1.48 26.15 5.21
C SER A 223 -1.67 25.94 6.72
N GLY A 224 -1.44 24.72 7.19
CA GLY A 224 -1.56 24.43 8.61
C GLY A 224 -0.53 25.21 9.39
N TYR A 225 0.71 25.11 8.91
CA TYR A 225 1.84 25.89 9.43
C TYR A 225 1.54 27.41 9.44
N ASP A 226 1.20 27.97 8.29
CA ASP A 226 0.93 29.41 8.19
C ASP A 226 -0.17 29.83 9.14
N ALA A 227 -1.28 29.11 9.10
CA ALA A 227 -2.46 29.42 9.90
C ALA A 227 -2.13 29.36 11.38
N ALA A 228 -1.39 28.33 11.79
CA ALA A 228 -0.94 28.22 13.17
C ALA A 228 -0.16 29.46 13.55
N LYS A 229 0.82 29.81 12.73
CA LYS A 229 1.68 30.96 13.02
C LYS A 229 0.88 32.25 13.16
N ALA A 230 -0.06 32.44 12.25
CA ALA A 230 -0.87 33.65 12.28
C ALA A 230 -1.67 33.66 13.57
N SER A 231 -2.22 32.50 13.88
CA SER A 231 -3.08 32.38 15.05
C SER A 231 -2.33 32.73 16.32
N LEU A 232 -1.10 32.22 16.42
CA LEU A 232 -0.28 32.51 17.58
C LEU A 232 0.26 33.95 17.58
N ALA A 233 0.46 34.52 16.41
CA ALA A 233 0.83 35.92 16.33
C ALA A 233 -0.28 36.75 16.96
N LYS A 234 -1.53 36.46 16.61
CA LYS A 234 -2.67 37.20 17.18
C LYS A 234 -3.02 36.77 18.63
N HIS A 235 -3.05 35.47 18.90
CA HIS A 235 -3.34 34.98 20.24
C HIS A 235 -2.29 33.98 20.72
N PRO A 236 -1.14 34.47 21.23
CA PRO A 236 -0.10 33.51 21.62
C PRO A 236 -0.45 32.74 22.89
N ASP A 237 -1.42 33.23 23.65
CA ASP A 237 -1.73 32.66 24.93
C ASP A 237 -2.88 31.65 24.85
N VAL A 238 -2.58 30.47 24.31
CA VAL A 238 -3.51 29.34 24.33
C VAL A 238 -2.89 28.14 25.05
N ASP A 239 -3.74 27.22 25.50
CA ASP A 239 -3.25 26.00 26.16
C ASP A 239 -3.20 24.79 25.22
N PHE A 240 -4.00 24.83 24.16
CA PHE A 240 -3.90 23.83 23.10
C PHE A 240 -4.49 24.36 21.80
N ILE A 241 -4.01 23.86 20.66
CA ILE A 241 -4.64 24.14 19.38
C ILE A 241 -5.39 22.87 19.01
N TYR A 242 -6.61 23.04 18.51
CA TYR A 242 -7.37 21.92 17.96
C TYR A 242 -7.31 21.96 16.45
N ALA A 243 -6.70 20.95 15.86
CA ALA A 243 -6.63 20.84 14.40
C ALA A 243 -7.69 19.87 13.89
N CYS A 244 -8.21 20.16 12.70
CA CYS A 244 -9.30 19.37 12.12
C CYS A 244 -8.81 18.34 11.10
N SER A 245 -7.50 18.26 10.87
CA SER A 245 -6.97 17.26 9.94
C SER A 245 -5.46 17.07 9.99
N THR A 246 -5.05 15.94 9.44
CA THR A 246 -3.67 15.47 9.47
C THR A 246 -2.69 16.52 9.01
N ASP A 247 -2.86 16.97 7.77
CA ASP A 247 -1.89 17.87 7.16
C ASP A 247 -1.83 19.19 7.95
N VAL A 248 -2.99 19.71 8.28
CA VAL A 248 -3.09 20.92 9.08
C VAL A 248 -2.31 20.77 10.38
N ALA A 249 -2.66 19.73 11.14
CA ALA A 249 -1.99 19.44 12.41
C ALA A 249 -0.46 19.27 12.25
N LEU A 250 -0.05 18.60 11.19
CA LEU A 250 1.38 18.38 10.97
C LEU A 250 2.13 19.65 10.58
N GLY A 251 1.46 20.57 9.87
CA GLY A 251 2.04 21.89 9.65
C GLY A 251 2.14 22.65 10.96
N ALA A 252 1.04 22.63 11.70
CA ALA A 252 0.97 23.20 13.03
C ALA A 252 2.11 22.72 13.94
N VAL A 253 2.38 21.42 13.91
CA VAL A 253 3.52 20.89 14.66
C VAL A 253 4.84 21.64 14.34
N ASP A 254 5.07 21.93 13.05
CA ASP A 254 6.27 22.65 12.61
C ASP A 254 6.25 24.07 13.13
N ALA A 255 5.06 24.66 13.10
CA ALA A 255 4.89 26.02 13.62
C ALA A 255 5.25 26.09 15.11
N LEU A 256 4.71 25.17 15.89
CA LEU A 256 5.03 25.14 17.32
C LEU A 256 6.51 24.89 17.52
N ALA A 257 7.08 24.03 16.67
CA ALA A 257 8.52 23.76 16.77
C ALA A 257 9.33 25.02 16.50
N GLU A 258 8.96 25.74 15.46
CA GLU A 258 9.72 26.91 15.06
C GLU A 258 9.58 28.02 16.09
N LEU A 259 8.37 28.18 16.63
CA LEU A 259 8.08 29.23 17.61
C LEU A 259 8.58 28.92 19.01
N GLY A 260 9.10 27.72 19.22
CA GLY A 260 9.57 27.32 20.53
C GLY A 260 8.48 27.20 21.56
N ARG A 261 7.28 26.85 21.11
CA ARG A 261 6.14 26.75 22.01
C ARG A 261 5.86 25.31 22.37
N GLU A 262 6.62 24.74 23.28
CA GLU A 262 6.33 23.40 23.72
C GLU A 262 5.17 23.34 24.73
N ASP A 263 4.74 24.49 25.22
CA ASP A 263 3.67 24.49 26.19
C ASP A 263 2.35 24.11 25.52
N ILE A 264 2.28 24.27 24.19
CA ILE A 264 1.00 24.08 23.52
C ILE A 264 0.76 22.63 23.11
N MET A 265 -0.36 22.09 23.57
CA MET A 265 -0.81 20.77 23.15
C MET A 265 -1.47 20.83 21.75
N ILE A 266 -1.21 19.82 20.93
CA ILE A 266 -1.83 19.76 19.61
C ILE A 266 -2.29 18.32 19.31
N ASN A 267 -3.44 18.22 18.64
CA ASN A 267 -3.99 16.92 18.30
C ASN A 267 -3.81 16.62 16.84
N GLY A 268 -3.91 15.33 16.50
CA GLY A 268 -4.02 14.88 15.13
C GLY A 268 -5.47 14.58 14.84
N TRP A 269 -5.75 13.84 13.77
CA TRP A 269 -7.11 13.45 13.45
C TRP A 269 -7.11 12.41 12.36
N GLY A 270 -7.21 11.14 12.77
CA GLY A 270 -7.34 10.04 11.82
C GLY A 270 -6.34 8.94 12.09
N GLY A 271 -5.17 9.31 12.61
CA GLY A 271 -4.17 8.33 12.99
C GLY A 271 -3.57 7.52 11.85
N GLY A 272 -3.23 8.18 10.76
CA GLY A 272 -2.44 7.55 9.72
C GLY A 272 -1.00 7.33 10.15
N SER A 273 -0.16 6.93 9.20
CA SER A 273 1.23 6.65 9.49
C SER A 273 2.00 7.89 10.00
N ALA A 274 1.86 9.00 9.26
CA ALA A 274 2.57 10.23 9.61
C ALA A 274 2.28 10.65 11.04
N GLU A 275 1.00 10.73 11.38
CA GLU A 275 0.58 11.12 12.72
C GLU A 275 1.15 10.18 13.78
N LEU A 276 1.13 8.89 13.50
CA LEU A 276 1.63 7.90 14.44
C LEU A 276 3.14 8.05 14.68
N ASP A 277 3.90 8.30 13.63
CA ASP A 277 5.31 8.61 13.80
C ASP A 277 5.48 9.87 14.65
N ALA A 278 4.75 10.92 14.28
CA ALA A 278 4.79 12.15 15.05
C ALA A 278 4.43 11.89 16.52
N ILE A 279 3.43 11.05 16.75
CA ILE A 279 3.02 10.76 18.11
C ILE A 279 4.14 10.03 18.83
N GLN A 280 4.77 9.09 18.15
CA GLN A 280 5.86 8.36 18.78
C GLN A 280 7.11 9.25 18.96
N LYS A 281 7.26 10.26 18.10
CA LYS A 281 8.29 11.27 18.28
C LYS A 281 7.97 12.22 19.46
N GLY A 282 6.69 12.28 19.83
CA GLY A 282 6.21 13.20 20.84
C GLY A 282 5.74 14.55 20.29
N ASP A 283 5.83 14.73 18.97
CA ASP A 283 5.46 16.00 18.32
C ASP A 283 3.95 16.23 18.31
N LEU A 284 3.22 15.15 18.17
CA LEU A 284 1.77 15.18 18.24
C LEU A 284 1.39 14.53 19.55
N ASP A 285 0.49 15.16 20.30
CA ASP A 285 0.24 14.74 21.67
C ASP A 285 -0.86 13.70 21.78
N ILE A 286 -1.98 13.96 21.11
CA ILE A 286 -3.08 13.00 21.09
C ILE A 286 -3.62 12.90 19.67
N THR A 287 -4.30 11.80 19.37
CA THR A 287 -5.07 11.71 18.15
C THR A 287 -6.23 10.73 18.33
N VAL A 288 -7.16 10.77 17.39
CA VAL A 288 -8.17 9.73 17.27
C VAL A 288 -7.83 8.92 16.01
N MET A 289 -7.71 7.60 16.19
CA MET A 289 -7.14 6.72 15.19
C MET A 289 -8.21 5.83 14.62
N ARG A 290 -8.40 5.90 13.31
CA ARG A 290 -9.45 5.11 12.67
C ARG A 290 -8.93 3.76 12.22
N MET A 291 -9.75 2.72 12.40
CA MET A 291 -9.34 1.39 12.00
C MET A 291 -9.41 1.35 10.48
N ASN A 292 -8.39 1.95 9.88
CA ASN A 292 -8.43 2.47 8.53
C ASN A 292 -8.99 1.59 7.42
N ASP A 293 -8.54 0.34 7.38
CA ASP A 293 -8.84 -0.51 6.25
C ASP A 293 -10.29 -0.98 6.21
N ASP A 294 -11.00 -0.87 7.33
CA ASP A 294 -12.37 -1.38 7.43
C ASP A 294 -13.26 -0.77 6.36
N THR A 295 -13.06 0.52 6.08
CA THR A 295 -13.94 1.22 5.15
C THR A 295 -13.69 0.80 3.70
N GLY A 296 -12.43 0.63 3.32
CA GLY A 296 -12.09 0.14 2.00
C GLY A 296 -12.65 -1.25 1.79
N ILE A 297 -12.50 -2.09 2.81
CA ILE A 297 -13.03 -3.44 2.79
C ILE A 297 -14.57 -3.43 2.77
N ALA A 298 -15.18 -2.45 3.42
CA ALA A 298 -16.62 -2.32 3.45
C ALA A 298 -17.18 -2.01 2.07
N MET A 299 -16.46 -1.20 1.29
CA MET A 299 -16.94 -0.84 -0.03
C MET A 299 -16.99 -2.07 -0.93
N ALA A 300 -15.96 -2.91 -0.82
CA ALA A 300 -15.90 -4.13 -1.59
C ALA A 300 -17.09 -5.02 -1.25
N GLU A 301 -17.32 -5.23 0.04
CA GLU A 301 -18.41 -6.09 0.46
C GLU A 301 -19.76 -5.57 -0.02
N ALA A 302 -19.99 -4.28 0.16
CA ALA A 302 -21.22 -3.67 -0.31
C ALA A 302 -21.42 -4.00 -1.78
N ILE A 303 -20.40 -3.73 -2.57
CA ILE A 303 -20.45 -3.98 -4.00
C ILE A 303 -20.78 -5.44 -4.25
N LYS A 304 -20.36 -6.32 -3.33
CA LYS A 304 -20.50 -7.75 -3.58
C LYS A 304 -21.98 -8.10 -3.49
N TRP A 305 -22.55 -7.87 -2.32
CA TRP A 305 -23.97 -8.04 -2.07
C TRP A 305 -24.83 -7.47 -3.19
N ASP A 306 -24.45 -6.31 -3.69
CA ASP A 306 -25.23 -5.70 -4.76
C ASP A 306 -25.20 -6.57 -6.00
N LEU A 307 -24.05 -7.17 -6.28
CA LEU A 307 -23.92 -8.00 -7.46
C LEU A 307 -24.64 -9.34 -7.24
N GLU A 308 -24.86 -9.67 -5.96
CA GLU A 308 -25.59 -10.88 -5.58
C GLU A 308 -27.06 -10.56 -5.31
N ASP A 309 -27.49 -9.35 -5.65
CA ASP A 309 -28.84 -8.87 -5.39
C ASP A 309 -29.29 -9.06 -3.93
N LYS A 310 -28.39 -8.79 -3.00
CA LYS A 310 -28.73 -8.74 -1.60
C LYS A 310 -28.88 -7.28 -1.25
N PRO A 311 -29.70 -6.96 -0.24
CA PRO A 311 -29.86 -5.55 0.09
C PRO A 311 -28.57 -5.00 0.67
N VAL A 312 -28.26 -3.72 0.42
CA VAL A 312 -27.00 -3.11 0.87
C VAL A 312 -27.27 -1.92 1.81
N PRO A 313 -26.58 -1.88 2.98
CA PRO A 313 -26.79 -0.78 3.92
C PRO A 313 -26.53 0.57 3.29
N THR A 314 -27.15 1.60 3.84
CA THR A 314 -26.97 2.95 3.34
C THR A 314 -25.75 3.60 4.00
N VAL A 315 -25.45 3.17 5.22
CA VAL A 315 -24.34 3.77 5.97
C VAL A 315 -23.44 2.74 6.61
N TYR A 316 -22.16 3.06 6.63
CA TYR A 316 -21.18 2.30 7.39
C TYR A 316 -20.18 3.24 8.03
N SER A 317 -19.92 3.04 9.32
CA SER A 317 -18.87 3.75 10.02
C SER A 317 -17.91 2.78 10.67
N GLY A 318 -16.63 3.07 10.56
CA GLY A 318 -15.60 2.25 11.15
C GLY A 318 -15.28 2.73 12.55
N ASP A 319 -14.45 1.97 13.24
CA ASP A 319 -14.17 2.21 14.63
C ASP A 319 -13.00 3.16 14.84
N PHE A 320 -13.07 3.87 15.96
CA PHE A 320 -12.00 4.76 16.38
C PHE A 320 -11.32 4.22 17.62
N GLU A 321 -10.06 4.60 17.79
CA GLU A 321 -9.30 4.38 19.01
C GLU A 321 -8.51 5.66 19.38
N ILE A 322 -8.61 6.12 20.62
CA ILE A 322 -7.79 7.26 21.05
C ILE A 322 -6.35 6.81 21.25
N VAL A 323 -5.43 7.61 20.74
CA VAL A 323 -4.00 7.32 20.83
C VAL A 323 -3.25 8.55 21.31
N THR A 324 -2.48 8.37 22.37
CA THR A 324 -1.71 9.46 22.97
C THR A 324 -0.24 9.07 22.95
N LYS A 325 0.64 10.05 23.07
CA LYS A 325 2.07 9.79 23.10
C LYS A 325 2.51 8.98 24.32
N ALA A 326 1.60 8.75 25.25
CA ALA A 326 1.91 7.96 26.43
C ALA A 326 1.65 6.48 26.18
N ASP A 327 1.13 6.15 25.00
CA ASP A 327 0.85 4.76 24.64
C ASP A 327 2.17 4.02 24.42
N SER A 328 2.18 2.74 24.76
CA SER A 328 3.35 1.87 24.57
C SER A 328 3.52 1.47 23.11
N PRO A 329 4.76 1.28 22.65
CA PRO A 329 4.97 0.89 21.24
C PRO A 329 4.24 -0.41 20.90
N GLU A 330 4.03 -1.26 21.90
CA GLU A 330 3.22 -2.46 21.72
C GLU A 330 1.79 -2.11 21.32
N ARG A 331 1.19 -1.18 22.05
CA ARG A 331 -0.17 -0.75 21.74
C ARG A 331 -0.26 -0.20 20.32
N ILE A 332 0.65 0.69 19.97
CA ILE A 332 0.66 1.28 18.63
C ILE A 332 0.83 0.18 17.58
N GLU A 333 1.70 -0.79 17.86
CA GLU A 333 1.90 -1.87 16.92
C GLU A 333 0.62 -2.70 16.72
N ALA A 334 -0.06 -3.03 17.82
CA ALA A 334 -1.32 -3.76 17.74
C ALA A 334 -2.41 -2.98 16.99
N LEU A 335 -2.49 -1.69 17.26
CA LEU A 335 -3.47 -0.88 16.55
C LEU A 335 -3.16 -0.83 15.06
N LYS A 336 -1.88 -0.72 14.73
CA LYS A 336 -1.49 -0.77 13.32
C LYS A 336 -1.90 -2.10 12.70
N LYS A 337 -1.54 -3.20 13.36
CA LYS A 337 -1.90 -4.52 12.86
C LYS A 337 -3.42 -4.66 12.65
N ARG A 338 -4.20 -4.05 13.53
CA ARG A 338 -5.65 -3.96 13.33
C ARG A 338 -6.02 -3.04 12.17
N ALA A 339 -5.40 -1.86 12.11
CA ALA A 339 -5.84 -0.78 11.22
C ALA A 339 -5.38 -0.90 9.76
N PHE A 340 -4.18 -1.43 9.56
CA PHE A 340 -3.60 -1.55 8.23
C PHE A 340 -3.44 -3.01 7.83
N ARG A 341 -4.35 -3.85 8.30
CA ARG A 341 -4.31 -5.28 8.05
C ARG A 341 -4.33 -5.65 6.57
N TYR A 342 -4.68 -4.70 5.71
CA TYR A 342 -4.65 -4.89 4.26
C TYR A 342 -3.63 -3.99 3.56
N SER A 343 -3.65 -2.69 3.90
CA SER A 343 -2.79 -1.75 3.21
C SER A 343 -1.36 -1.83 3.74
N ASP A 344 -1.15 -2.62 4.79
CA ASP A 344 0.18 -2.82 5.38
C ASP A 344 0.75 -1.52 5.93
N MET B 3 24.59 -8.95 -18.46
CA MET B 3 24.69 -9.46 -19.82
C MET B 3 23.63 -8.81 -20.74
N VAL B 4 22.59 -8.22 -20.17
CA VAL B 4 21.70 -7.33 -20.95
C VAL B 4 21.85 -5.86 -20.52
N LEU B 5 22.51 -5.64 -19.38
CA LEU B 5 22.85 -4.30 -18.90
C LEU B 5 24.36 -4.21 -18.64
N ASN B 6 24.88 -2.99 -18.70
CA ASN B 6 26.29 -2.74 -18.39
C ASN B 6 26.41 -2.10 -17.01
N GLY B 7 27.60 -2.24 -16.42
CA GLY B 7 27.89 -1.60 -15.15
C GLY B 7 27.54 -2.45 -13.95
N TYR B 8 27.16 -3.70 -14.21
CA TYR B 8 26.76 -4.63 -13.15
C TYR B 8 27.67 -5.85 -13.08
N TRP B 9 28.00 -6.28 -11.86
CA TRP B 9 28.70 -7.54 -11.65
C TRP B 9 27.69 -8.68 -11.79
N GLY B 10 28.04 -9.72 -12.51
CA GLY B 10 27.21 -10.91 -12.50
C GLY B 10 27.26 -11.50 -11.11
N TYR B 11 26.17 -12.14 -10.71
CA TYR B 11 26.11 -12.83 -9.42
C TYR B 11 27.21 -13.90 -9.29
N GLN B 12 27.30 -14.79 -10.27
CA GLN B 12 28.35 -15.81 -10.27
C GLN B 12 29.71 -15.18 -10.52
N GLU B 13 29.74 -14.20 -11.41
CA GLU B 13 30.97 -13.50 -11.76
C GLU B 13 31.59 -12.87 -10.53
N PHE B 14 30.74 -12.22 -9.74
CA PHE B 14 31.17 -11.53 -8.54
C PHE B 14 31.81 -12.50 -7.55
N LEU B 15 31.21 -13.67 -7.35
CA LEU B 15 31.75 -14.67 -6.43
C LEU B 15 32.98 -15.33 -7.04
N ASP B 16 33.04 -15.35 -8.37
CA ASP B 16 34.21 -15.88 -9.07
C ASP B 16 35.36 -14.90 -8.95
N GLU B 17 35.03 -13.61 -8.86
CA GLU B 17 36.03 -12.58 -8.67
C GLU B 17 36.64 -12.61 -7.27
N PHE B 18 35.81 -12.85 -6.26
CA PHE B 18 36.21 -12.75 -4.86
C PHE B 18 35.93 -14.04 -4.09
N PRO B 19 36.91 -14.95 -4.01
CA PRO B 19 36.68 -16.26 -3.37
C PRO B 19 36.19 -16.17 -1.92
N GLU B 20 36.73 -15.25 -1.13
CA GLU B 20 36.28 -15.07 0.24
C GLU B 20 34.81 -14.66 0.26
N GLN B 21 34.40 -13.94 -0.78
CA GLN B 21 33.03 -13.48 -0.92
C GLN B 21 32.13 -14.67 -1.26
N ARG B 22 32.62 -15.56 -2.12
CA ARG B 22 31.94 -16.82 -2.35
C ARG B 22 31.83 -17.59 -1.05
N ASN B 23 32.95 -17.72 -0.32
CA ASN B 23 32.95 -18.45 0.95
C ASN B 23 31.88 -17.93 1.89
N LEU B 24 31.81 -16.61 2.04
CA LEU B 24 30.79 -16.00 2.88
C LEU B 24 29.38 -16.32 2.38
N THR B 25 29.17 -16.20 1.08
CA THR B 25 27.86 -16.54 0.53
C THR B 25 27.47 -18.02 0.74
N ASN B 26 28.42 -18.92 0.54
CA ASN B 26 28.19 -20.34 0.80
C ASN B 26 27.82 -20.56 2.25
N ALA B 27 28.59 -19.94 3.12
CA ALA B 27 28.29 -19.95 4.54
C ALA B 27 26.87 -19.49 4.81
N LEU B 28 26.49 -18.35 4.24
CA LEU B 28 25.13 -17.85 4.46
C LEU B 28 24.08 -18.87 4.01
N SER B 29 24.27 -19.45 2.82
CA SER B 29 23.37 -20.51 2.36
C SER B 29 23.23 -21.66 3.37
N GLU B 30 24.38 -22.14 3.86
CA GLU B 30 24.41 -23.17 4.90
C GLU B 30 23.62 -22.76 6.15
N ALA B 31 23.91 -21.58 6.68
CA ALA B 31 23.17 -21.09 7.84
C ALA B 31 21.69 -20.94 7.53
N VAL B 32 21.36 -20.63 6.29
CA VAL B 32 19.97 -20.48 5.91
C VAL B 32 19.25 -21.82 5.96
N ARG B 33 19.82 -22.83 5.32
CA ARG B 33 19.17 -24.14 5.29
C ARG B 33 19.12 -24.82 6.66
N ALA B 34 20.22 -24.71 7.42
CA ALA B 34 20.30 -25.33 8.75
C ALA B 34 19.33 -24.71 9.76
N GLN B 35 19.26 -25.34 10.93
CA GLN B 35 18.37 -24.88 11.99
C GLN B 35 18.88 -23.56 12.55
N PRO B 36 17.96 -22.76 13.14
CA PRO B 36 18.36 -21.52 13.81
C PRO B 36 19.44 -21.74 14.86
N VAL B 37 20.48 -20.90 14.82
CA VAL B 37 21.55 -20.92 15.82
C VAL B 37 21.55 -19.54 16.45
N PRO B 38 20.67 -19.31 17.45
CA PRO B 38 20.34 -17.97 17.95
C PRO B 38 21.52 -17.05 18.27
N LEU B 39 21.23 -15.76 18.32
CA LEU B 39 22.23 -14.69 18.47
C LEU B 39 23.21 -14.91 19.62
N SER B 40 24.50 -14.76 19.32
CA SER B 40 25.55 -14.86 20.33
C SER B 40 25.65 -13.57 21.16
N LYS B 41 26.29 -12.54 20.61
CA LYS B 41 26.41 -11.23 21.27
C LYS B 41 25.07 -10.49 21.35
N PRO B 42 24.41 -10.51 22.53
CA PRO B 42 23.11 -9.83 22.58
C PRO B 42 23.27 -8.31 22.51
N THR B 43 22.16 -7.59 22.38
CA THR B 43 22.21 -6.15 22.17
C THR B 43 21.62 -5.41 23.36
N GLN B 44 22.08 -4.18 23.56
CA GLN B 44 21.57 -3.35 24.64
C GLN B 44 20.17 -2.86 24.32
N ARG B 45 19.91 -2.60 23.05
CA ARG B 45 18.61 -2.09 22.62
C ARG B 45 18.01 -2.99 21.56
N PRO B 46 16.69 -2.90 21.36
CA PRO B 46 16.09 -3.54 20.19
C PRO B 46 16.54 -2.80 18.94
N ILE B 47 16.95 -3.53 17.90
CA ILE B 47 17.44 -2.87 16.69
C ILE B 47 16.29 -2.34 15.85
N LYS B 48 16.48 -1.14 15.31
CA LYS B 48 15.49 -0.49 14.46
C LYS B 48 15.72 -0.87 13.01
N ILE B 49 14.69 -1.44 12.39
CA ILE B 49 14.76 -1.81 10.98
C ILE B 49 13.69 -1.09 10.19
N SER B 50 14.11 -0.42 9.13
CA SER B 50 13.17 0.29 8.29
C SER B 50 13.00 -0.49 7.00
N VAL B 51 11.75 -0.81 6.66
CA VAL B 51 11.46 -1.55 5.44
C VAL B 51 10.66 -0.68 4.48
N VAL B 52 11.16 -0.58 3.25
CA VAL B 52 10.48 0.12 2.17
C VAL B 52 10.13 -0.88 1.10
N TYR B 53 8.89 -1.33 1.11
CA TYR B 53 8.41 -2.28 0.11
C TYR B 53 7.30 -1.66 -0.71
N PRO B 54 7.15 -2.11 -1.96
CA PRO B 54 5.98 -1.73 -2.73
C PRO B 54 4.80 -2.50 -2.19
N GLY B 55 3.62 -1.89 -2.18
CA GLY B 55 2.45 -2.55 -1.63
C GLY B 55 1.47 -2.90 -2.71
N GLN B 56 0.28 -3.32 -2.31
CA GLN B 56 -0.85 -3.46 -3.21
C GLN B 56 -0.52 -4.25 -4.49
N GLN B 57 -0.23 -5.52 -4.34
CA GLN B 57 -0.08 -6.39 -5.50
C GLN B 57 -0.50 -7.83 -5.20
N VAL B 58 -0.89 -8.52 -6.27
CA VAL B 58 -1.32 -9.90 -6.19
C VAL B 58 -0.16 -10.80 -5.81
N SER B 59 1.03 -10.45 -6.30
CA SER B 59 2.26 -11.12 -5.89
C SER B 59 2.43 -11.08 -4.38
N ASP B 60 2.65 -12.24 -3.79
CA ASP B 60 2.79 -12.35 -2.35
C ASP B 60 4.24 -12.36 -1.90
N TYR B 61 5.15 -12.00 -2.79
CA TYR B 61 6.57 -12.14 -2.49
C TYR B 61 6.97 -11.31 -1.28
N TRP B 62 6.61 -10.03 -1.29
CA TRP B 62 6.99 -9.11 -0.23
C TRP B 62 6.37 -9.52 1.11
N VAL B 63 5.04 -9.70 1.14
CA VAL B 63 4.37 -10.18 2.33
C VAL B 63 5.04 -11.42 2.94
N ARG B 64 5.32 -12.41 2.09
CA ARG B 64 5.94 -13.64 2.55
C ARG B 64 7.39 -13.44 2.95
N ASN B 65 8.04 -12.48 2.30
CA ASN B 65 9.41 -12.16 2.63
C ASN B 65 9.48 -11.61 4.05
N ILE B 66 8.60 -10.65 4.32
CA ILE B 66 8.46 -10.09 5.66
C ILE B 66 8.11 -11.19 6.63
N ALA B 67 7.05 -11.93 6.32
CA ALA B 67 6.57 -12.98 7.20
C ALA B 67 7.71 -13.92 7.59
N SER B 68 8.51 -14.35 6.62
CA SER B 68 9.59 -15.28 6.92
C SER B 68 10.72 -14.57 7.68
N PHE B 69 11.02 -13.36 7.26
CA PHE B 69 12.07 -12.55 7.90
C PHE B 69 11.84 -12.38 9.40
N GLU B 70 10.65 -11.90 9.76
CA GLU B 70 10.31 -11.71 11.16
C GLU B 70 10.37 -13.03 11.96
N LYS B 71 9.95 -14.12 11.35
CA LYS B 71 9.89 -15.38 12.07
C LYS B 71 11.29 -15.93 12.27
N ARG B 72 12.17 -15.76 11.29
CA ARG B 72 13.54 -16.19 11.47
C ARG B 72 14.21 -15.28 12.49
N LEU B 73 13.85 -14.00 12.48
CA LEU B 73 14.38 -13.09 13.48
C LEU B 73 14.01 -13.58 14.87
N TYR B 74 12.72 -13.88 15.06
CA TYR B 74 12.22 -14.46 16.31
C TYR B 74 13.04 -15.70 16.69
N LYS B 75 13.11 -16.65 15.77
CA LYS B 75 13.79 -17.91 16.05
C LYS B 75 15.29 -17.75 16.33
N LEU B 76 15.84 -16.60 15.98
CA LEU B 76 17.22 -16.26 16.33
C LEU B 76 17.26 -15.44 17.63
N ASN B 77 16.07 -15.17 18.16
CA ASN B 77 15.88 -14.30 19.33
C ASN B 77 16.66 -12.99 19.23
N ILE B 78 16.07 -12.05 18.50
CA ILE B 78 16.64 -10.72 18.30
C ILE B 78 15.50 -9.73 18.48
N ASN B 79 15.67 -8.81 19.43
CA ASN B 79 14.67 -7.77 19.63
C ASN B 79 14.76 -6.76 18.50
N TYR B 80 13.62 -6.37 17.96
CA TYR B 80 13.61 -5.44 16.85
C TYR B 80 12.31 -4.66 16.75
N GLN B 81 12.41 -3.45 16.23
CA GLN B 81 11.25 -2.67 15.84
C GLN B 81 11.27 -2.62 14.31
N LEU B 82 10.11 -2.78 13.68
CA LEU B 82 10.04 -2.93 12.22
C LEU B 82 9.09 -1.93 11.58
N ASN B 83 9.64 -0.92 10.91
CA ASN B 83 8.81 0.18 10.35
C ASN B 83 8.56 0.07 8.84
N GLN B 84 7.30 -0.14 8.46
CA GLN B 84 6.90 -0.23 7.06
C GLN B 84 6.53 1.12 6.50
N VAL B 85 7.41 1.67 5.68
CA VAL B 85 7.14 2.94 5.02
C VAL B 85 6.20 2.68 3.85
N PHE B 86 5.04 3.34 3.87
CA PHE B 86 4.05 3.17 2.83
C PHE B 86 4.53 3.87 1.56
N THR B 87 4.70 3.10 0.49
CA THR B 87 5.09 3.66 -0.79
C THR B 87 3.88 3.67 -1.70
N ARG B 88 3.56 4.84 -2.24
CA ARG B 88 2.47 4.98 -3.19
C ARG B 88 3.02 5.06 -4.62
N PRO B 89 2.83 4.00 -5.43
CA PRO B 89 3.30 4.00 -6.82
C PRO B 89 2.70 5.16 -7.62
N ASN B 90 1.67 5.74 -7.03
CA ASN B 90 1.10 6.99 -7.49
C ASN B 90 2.17 8.08 -7.48
N ALA B 91 2.16 8.93 -8.49
CA ALA B 91 3.10 10.06 -8.58
C ALA B 91 3.02 10.95 -7.31
N ASP B 92 3.99 11.85 -7.08
CA ASP B 92 5.10 12.16 -7.99
C ASP B 92 6.45 11.76 -7.41
N ILE B 93 7.45 11.78 -8.30
CA ILE B 93 8.83 11.45 -7.96
C ILE B 93 9.29 12.21 -6.72
N LYS B 94 8.82 13.45 -6.58
CA LYS B 94 9.28 14.32 -5.50
C LYS B 94 8.49 14.14 -4.21
N GLN B 95 7.36 13.44 -4.28
CA GLN B 95 6.67 13.02 -3.07
C GLN B 95 7.36 11.78 -2.53
N GLN B 96 7.59 10.83 -3.43
CA GLN B 96 8.31 9.60 -3.10
C GLN B 96 9.66 9.94 -2.49
N SER B 97 10.45 10.72 -3.23
CA SER B 97 11.77 11.12 -2.80
C SER B 97 11.79 11.64 -1.36
N LEU B 98 10.95 12.62 -1.05
CA LEU B 98 10.92 13.16 0.29
C LEU B 98 10.45 12.08 1.27
N SER B 99 9.40 11.36 0.89
CA SER B 99 8.88 10.31 1.74
C SER B 99 9.87 9.16 1.89
N LEU B 100 10.89 9.12 1.03
CA LEU B 100 12.00 8.20 1.24
C LEU B 100 12.99 8.84 2.21
N MET B 101 13.22 10.13 2.03
CA MET B 101 14.11 10.89 2.91
C MET B 101 13.56 10.97 4.32
N GLU B 102 12.23 10.83 4.46
CA GLU B 102 11.57 10.84 5.77
C GLU B 102 12.22 9.83 6.73
N ALA B 103 12.51 8.64 6.22
CA ALA B 103 12.89 7.52 7.06
C ALA B 103 14.40 7.33 7.12
N LEU B 104 15.13 8.40 6.90
CA LEU B 104 16.57 8.41 7.15
C LEU B 104 16.87 9.25 8.39
N LYS B 105 15.90 10.06 8.78
CA LYS B 105 15.96 10.74 10.06
C LYS B 105 15.42 9.79 11.13
N SER B 106 14.82 8.69 10.69
CA SER B 106 14.43 7.61 11.57
C SER B 106 15.64 6.92 12.19
N LYS B 107 16.81 7.14 11.59
CA LYS B 107 18.07 6.62 12.10
C LYS B 107 17.98 5.14 12.44
N SER B 108 17.54 4.34 11.47
CA SER B 108 17.46 2.90 11.63
C SER B 108 18.81 2.23 11.53
N ASP B 109 18.98 1.12 12.24
CA ASP B 109 20.19 0.33 12.16
C ASP B 109 20.33 -0.23 10.75
N TYR B 110 19.27 -0.88 10.28
CA TYR B 110 19.25 -1.46 8.95
C TYR B 110 18.08 -0.93 8.14
N LEU B 111 18.33 -0.74 6.85
CA LEU B 111 17.27 -0.33 5.93
C LEU B 111 17.13 -1.35 4.81
N ILE B 112 15.91 -1.84 4.61
CA ILE B 112 15.59 -2.74 3.52
C ILE B 112 14.88 -2.00 2.38
N PHE B 113 15.46 -2.03 1.18
CA PHE B 113 14.96 -1.29 0.02
C PHE B 113 14.89 -2.15 -1.25
N THR B 114 14.36 -1.59 -2.33
CA THR B 114 14.40 -2.23 -3.66
C THR B 114 15.41 -1.49 -4.55
N LEU B 115 15.53 -1.86 -5.83
CA LEU B 115 16.34 -1.04 -6.76
C LEU B 115 15.96 -1.29 -8.21
N ASP B 116 15.00 -0.50 -8.67
CA ASP B 116 14.36 -0.77 -9.95
C ASP B 116 14.51 0.40 -10.89
N THR B 117 14.28 1.60 -10.38
CA THR B 117 14.35 2.82 -11.16
C THR B 117 15.69 3.53 -10.99
N THR B 118 15.97 4.48 -11.87
CA THR B 118 17.09 5.38 -11.68
C THR B 118 16.78 6.35 -10.54
N ARG B 119 15.48 6.53 -10.25
CA ARG B 119 15.04 7.35 -9.15
C ARG B 119 15.54 6.75 -7.85
N HIS B 120 15.51 5.42 -7.80
CA HIS B 120 15.96 4.70 -6.63
C HIS B 120 17.47 4.82 -6.48
N ARG B 121 18.19 4.94 -7.60
CA ARG B 121 19.65 4.96 -7.59
C ARG B 121 20.16 6.14 -6.79
N LYS B 122 19.62 7.32 -7.08
CA LYS B 122 20.06 8.54 -6.43
C LYS B 122 19.87 8.42 -4.93
N PHE B 123 18.71 7.90 -4.53
CA PHE B 123 18.41 7.73 -3.11
C PHE B 123 19.37 6.74 -2.46
N VAL B 124 19.56 5.60 -3.10
CA VAL B 124 20.49 4.60 -2.58
C VAL B 124 21.87 5.22 -2.44
N GLU B 125 22.30 5.93 -3.48
CA GLU B 125 23.61 6.56 -3.48
C GLU B 125 23.73 7.56 -2.34
N HIS B 126 22.66 8.31 -2.09
CA HIS B 126 22.63 9.18 -0.93
C HIS B 126 22.82 8.39 0.37
N VAL B 127 21.97 7.37 0.57
CA VAL B 127 22.05 6.52 1.75
C VAL B 127 23.47 5.99 1.94
N LEU B 128 24.09 5.58 0.85
CA LEU B 128 25.41 4.99 0.93
C LEU B 128 26.48 6.04 1.19
N ASP B 129 26.36 7.18 0.51
CA ASP B 129 27.40 8.18 0.52
C ASP B 129 27.42 8.96 1.83
N SER B 130 26.24 9.21 2.40
CA SER B 130 26.14 10.15 3.52
C SER B 130 25.62 9.62 4.86
N THR B 131 25.51 8.31 5.03
CA THR B 131 24.95 7.78 6.28
C THR B 131 25.60 6.48 6.78
N ASN B 132 25.29 6.14 8.03
CA ASN B 132 25.84 4.97 8.67
C ASN B 132 24.91 3.78 8.57
N THR B 133 23.68 4.03 8.12
CA THR B 133 22.64 3.00 8.04
C THR B 133 23.09 1.89 7.12
N LYS B 134 23.02 0.65 7.61
CA LYS B 134 23.39 -0.49 6.79
C LYS B 134 22.26 -0.84 5.84
N LEU B 135 22.61 -0.98 4.55
CA LEU B 135 21.61 -1.04 3.48
C LEU B 135 21.48 -2.43 2.86
N ILE B 136 20.26 -2.99 2.94
CA ILE B 136 19.91 -4.26 2.31
C ILE B 136 19.01 -4.02 1.10
N LEU B 137 19.52 -4.37 -0.08
CA LEU B 137 18.78 -4.23 -1.33
C LEU B 137 18.11 -5.55 -1.74
N GLN B 138 16.80 -5.58 -1.57
CA GLN B 138 16.00 -6.75 -1.85
C GLN B 138 15.64 -6.79 -3.33
N ASN B 139 15.63 -8.00 -3.90
CA ASN B 139 15.21 -8.21 -5.28
C ASN B 139 16.21 -7.63 -6.29
N ILE B 140 17.48 -7.84 -5.99
CA ILE B 140 18.56 -7.55 -6.92
C ILE B 140 19.75 -8.33 -6.40
N THR B 141 20.55 -8.88 -7.32
CA THR B 141 21.59 -9.85 -6.98
C THR B 141 22.88 -9.62 -7.78
N THR B 142 22.99 -8.45 -8.40
CA THR B 142 24.10 -8.12 -9.28
C THR B 142 24.67 -6.79 -8.83
N PRO B 143 25.79 -6.82 -8.09
CA PRO B 143 26.35 -5.57 -7.55
C PRO B 143 26.68 -4.53 -8.60
N VAL B 144 26.46 -3.27 -8.25
CA VAL B 144 26.74 -2.12 -9.12
C VAL B 144 28.24 -1.83 -9.09
N ARG B 145 28.87 -1.81 -10.26
CA ARG B 145 30.32 -1.63 -10.34
C ARG B 145 30.75 -0.25 -9.87
N GLU B 146 29.86 0.72 -9.96
CA GLU B 146 30.18 2.09 -9.58
C GLU B 146 30.21 2.26 -8.06
N TRP B 147 29.90 1.20 -7.33
CA TRP B 147 29.87 1.26 -5.87
C TRP B 147 30.96 0.37 -5.29
N ASP B 148 31.96 0.02 -6.08
CA ASP B 148 33.03 -0.86 -5.62
C ASP B 148 33.81 -0.26 -4.44
N LYS B 149 33.72 1.05 -4.27
CA LYS B 149 34.37 1.76 -3.16
C LYS B 149 33.64 1.47 -1.85
N HIS B 150 32.32 1.34 -1.95
CA HIS B 150 31.47 1.20 -0.78
C HIS B 150 30.16 0.54 -1.21
N GLN B 151 30.13 -0.79 -1.11
CA GLN B 151 28.95 -1.57 -1.48
C GLN B 151 27.93 -1.62 -0.35
N PRO B 152 26.65 -1.76 -0.69
CA PRO B 152 25.64 -1.99 0.33
C PRO B 152 25.98 -3.18 1.25
N PHE B 153 25.29 -3.24 2.38
CA PHE B 153 25.45 -4.33 3.34
C PHE B 153 25.05 -5.70 2.74
N LEU B 154 24.05 -5.69 1.86
CA LEU B 154 23.54 -6.94 1.26
C LEU B 154 22.66 -6.74 0.02
N TYR B 155 23.01 -7.42 -1.06
CA TYR B 155 22.09 -7.58 -2.18
C TYR B 155 21.45 -8.93 -1.98
N VAL B 156 20.14 -8.98 -1.87
CA VAL B 156 19.47 -10.26 -1.65
C VAL B 156 18.21 -10.41 -2.48
N GLY B 157 18.06 -11.58 -3.09
CA GLY B 157 16.86 -11.87 -3.83
C GLY B 157 17.03 -13.14 -4.62
N PHE B 158 16.26 -13.23 -5.70
CA PHE B 158 16.35 -14.35 -6.60
C PHE B 158 16.71 -13.78 -7.94
N ASP B 159 17.82 -14.27 -8.49
CA ASP B 159 18.44 -13.69 -9.67
C ASP B 159 17.51 -13.67 -10.88
N HIS B 160 17.20 -12.47 -11.36
CA HIS B 160 16.31 -12.27 -12.48
C HIS B 160 16.81 -12.94 -13.77
N ALA B 161 18.10 -12.78 -14.03
CA ALA B 161 18.71 -13.42 -15.20
C ALA B 161 18.56 -14.96 -15.16
N GLU B 162 18.92 -15.57 -14.03
CA GLU B 162 18.81 -17.01 -13.90
C GLU B 162 17.38 -17.54 -14.19
N GLY B 163 16.38 -16.97 -13.53
CA GLY B 163 14.99 -17.38 -13.70
C GLY B 163 14.51 -17.17 -15.11
N SER B 164 14.83 -16.01 -15.68
CA SER B 164 14.49 -15.74 -17.07
C SER B 164 15.15 -16.73 -18.01
N ARG B 165 16.41 -17.07 -17.75
CA ARG B 165 17.09 -18.09 -18.57
C ARG B 165 16.32 -19.41 -18.51
N GLU B 166 16.01 -19.84 -17.30
CA GLU B 166 15.29 -21.10 -17.14
C GLU B 166 13.99 -21.11 -17.94
N LEU B 167 13.22 -20.03 -17.83
CA LEU B 167 12.02 -19.87 -18.66
C LEU B 167 12.33 -19.94 -20.15
N ALA B 168 13.25 -19.09 -20.60
CA ALA B 168 13.72 -19.08 -21.99
C ALA B 168 14.09 -20.46 -22.48
N THR B 169 14.75 -21.25 -21.63
CA THR B 169 15.15 -22.59 -22.02
C THR B 169 13.93 -23.48 -22.20
N GLU B 170 12.99 -23.41 -21.28
CA GLU B 170 11.76 -24.21 -21.44
C GLU B 170 10.98 -23.84 -22.71
N PHE B 171 10.79 -22.54 -22.93
CA PHE B 171 10.14 -22.07 -24.16
C PHE B 171 10.93 -22.52 -25.39
N GLY B 172 12.25 -22.37 -25.34
CA GLY B 172 13.12 -22.88 -26.39
C GLY B 172 12.99 -24.38 -26.63
N LYS B 173 12.80 -25.16 -25.57
CA LYS B 173 12.61 -26.60 -25.73
C LYS B 173 11.26 -26.94 -26.36
N PHE B 174 10.21 -26.25 -25.94
CA PHE B 174 8.86 -26.54 -26.46
C PHE B 174 8.56 -26.00 -27.87
N PHE B 175 8.98 -24.77 -28.17
CA PHE B 175 8.60 -24.10 -29.42
C PHE B 175 9.69 -24.14 -30.51
N PRO B 176 9.28 -24.37 -31.77
CA PRO B 176 10.27 -24.42 -32.85
C PRO B 176 10.82 -23.04 -33.23
N LYS B 177 11.70 -23.03 -34.22
CA LYS B 177 12.23 -21.77 -34.76
C LYS B 177 11.08 -20.96 -35.36
N HIS B 178 11.28 -19.65 -35.46
CA HIS B 178 10.33 -18.74 -36.11
C HIS B 178 8.95 -18.76 -35.44
N THR B 179 8.96 -19.01 -34.13
CA THR B 179 7.79 -18.85 -33.26
C THR B 179 7.55 -17.37 -32.98
N TYR B 180 6.32 -16.91 -33.19
CA TYR B 180 5.97 -15.52 -32.96
C TYR B 180 5.62 -15.36 -31.51
N TYR B 181 6.14 -14.31 -30.87
CA TYR B 181 5.75 -14.00 -29.49
C TYR B 181 5.75 -12.51 -29.16
N SER B 182 5.11 -12.15 -28.04
CA SER B 182 5.06 -10.76 -27.58
C SER B 182 5.53 -10.70 -26.14
N VAL B 183 6.01 -9.53 -25.71
CA VAL B 183 6.51 -9.36 -24.35
C VAL B 183 5.79 -8.26 -23.55
N LEU B 184 5.33 -8.65 -22.36
CA LEU B 184 4.82 -7.71 -21.37
C LEU B 184 5.90 -7.43 -20.32
N TYR B 185 6.46 -6.23 -20.36
CA TYR B 185 7.44 -5.82 -19.37
C TYR B 185 6.79 -5.45 -18.03
N PHE B 186 7.63 -5.33 -17.02
CA PHE B 186 7.25 -4.69 -15.78
C PHE B 186 7.14 -3.20 -16.10
N SER B 187 7.14 -2.35 -15.08
CA SER B 187 7.29 -0.92 -15.30
C SER B 187 8.73 -0.70 -15.77
N GLU B 188 9.05 0.50 -16.24
CA GLU B 188 10.42 0.78 -16.70
C GLU B 188 11.44 0.65 -15.56
N GLY B 189 12.53 -0.07 -15.81
CA GLY B 189 13.56 -0.21 -14.80
C GLY B 189 14.46 -1.40 -15.00
N TYR B 190 15.21 -1.72 -13.94
CA TYR B 190 16.20 -2.79 -13.95
C TYR B 190 15.56 -4.18 -14.13
N ILE B 191 14.38 -4.37 -13.52
CA ILE B 191 13.65 -5.65 -13.58
C ILE B 191 13.24 -5.94 -15.00
N SER B 192 12.57 -4.97 -15.62
CA SER B 192 12.13 -5.12 -16.99
C SER B 192 13.32 -5.43 -17.86
N ASP B 193 14.37 -4.63 -17.71
CA ASP B 193 15.58 -4.81 -18.48
C ASP B 193 16.08 -6.26 -18.40
N VAL B 194 16.38 -6.73 -17.19
CA VAL B 194 16.96 -8.06 -17.08
C VAL B 194 15.95 -9.13 -17.41
N ARG B 195 14.82 -9.13 -16.71
CA ARG B 195 13.81 -10.16 -16.93
C ARG B 195 13.37 -10.25 -18.39
N GLY B 196 13.05 -9.10 -18.98
CA GLY B 196 12.59 -9.06 -20.36
C GLY B 196 13.68 -9.33 -21.38
N ASP B 197 14.78 -8.58 -21.32
CA ASP B 197 15.79 -8.73 -22.36
C ASP B 197 16.58 -10.05 -22.26
N THR B 198 16.72 -10.63 -21.07
CA THR B 198 17.42 -11.91 -20.99
C THR B 198 16.65 -12.96 -21.80
N PHE B 199 15.35 -12.98 -21.57
CA PHE B 199 14.45 -13.88 -22.28
C PHE B 199 14.48 -13.60 -23.77
N ILE B 200 14.29 -12.33 -24.12
CA ILE B 200 14.26 -11.94 -25.54
C ILE B 200 15.57 -12.30 -26.23
N HIS B 201 16.71 -11.95 -25.64
CA HIS B 201 17.99 -12.25 -26.25
C HIS B 201 18.18 -13.75 -26.43
N GLN B 202 17.96 -14.53 -25.37
CA GLN B 202 18.13 -15.97 -25.50
C GLN B 202 17.23 -16.57 -26.57
N VAL B 203 15.96 -16.20 -26.53
CA VAL B 203 14.97 -16.81 -27.41
C VAL B 203 15.11 -16.34 -28.87
N ASN B 204 15.48 -15.07 -29.06
CA ASN B 204 15.72 -14.59 -30.42
C ASN B 204 17.01 -15.18 -30.99
N ARG B 205 18.09 -15.12 -30.22
CA ARG B 205 19.41 -15.50 -30.71
C ARG B 205 19.65 -17.02 -30.79
N ASP B 206 19.23 -17.76 -29.76
CA ASP B 206 19.47 -19.21 -29.75
C ASP B 206 18.39 -19.99 -30.48
N ASN B 207 17.14 -19.53 -30.38
CA ASN B 207 16.03 -20.30 -30.91
C ASN B 207 15.36 -19.64 -32.12
N ASN B 208 15.89 -18.48 -32.51
CA ASN B 208 15.41 -17.80 -33.72
C ASN B 208 13.92 -17.48 -33.68
N PHE B 209 13.38 -17.22 -32.49
CA PHE B 209 12.01 -16.76 -32.36
C PHE B 209 11.90 -15.36 -32.95
N GLU B 210 10.66 -14.91 -33.15
CA GLU B 210 10.42 -13.57 -33.67
C GLU B 210 9.53 -12.80 -32.70
N LEU B 211 10.03 -11.65 -32.27
CA LEU B 211 9.29 -10.79 -31.37
C LEU B 211 8.36 -9.94 -32.21
N GLN B 212 7.07 -9.99 -31.92
CA GLN B 212 6.09 -9.24 -32.67
C GLN B 212 5.91 -7.87 -32.03
N SER B 213 5.97 -7.83 -30.71
CA SER B 213 5.78 -6.56 -30.00
C SER B 213 6.19 -6.63 -28.53
N ALA B 214 6.37 -5.46 -27.92
CA ALA B 214 6.77 -5.38 -26.50
C ALA B 214 6.27 -4.08 -25.89
N TYR B 215 5.71 -4.18 -24.68
CA TYR B 215 5.07 -3.04 -24.03
C TYR B 215 5.40 -2.96 -22.55
N TYR B 216 5.65 -1.76 -22.05
CA TYR B 216 5.77 -1.57 -20.61
C TYR B 216 4.39 -1.50 -19.97
N THR B 217 4.31 -1.93 -18.73
CA THR B 217 3.08 -1.85 -17.96
C THR B 217 3.33 -0.92 -16.79
N LYS B 218 2.34 -0.79 -15.93
CA LYS B 218 2.44 0.02 -14.73
C LYS B 218 2.58 -0.86 -13.49
N ALA B 219 3.06 -2.09 -13.70
CA ALA B 219 3.34 -3.04 -12.62
C ALA B 219 2.09 -3.56 -11.89
N THR B 220 0.90 -3.36 -12.48
CA THR B 220 -0.32 -3.85 -11.85
C THR B 220 -1.09 -4.80 -12.76
N LYS B 221 -1.92 -5.63 -12.13
CA LYS B 221 -2.71 -6.63 -12.84
C LYS B 221 -3.59 -5.99 -13.92
N GLN B 222 -4.22 -4.89 -13.55
CA GLN B 222 -5.05 -4.16 -14.50
C GLN B 222 -4.25 -3.67 -15.69
N SER B 223 -3.02 -3.23 -15.42
CA SER B 223 -2.13 -2.74 -16.46
C SER B 223 -1.70 -3.90 -17.35
N GLY B 224 -1.46 -5.06 -16.75
CA GLY B 224 -1.14 -6.25 -17.51
C GLY B 224 -2.26 -6.63 -18.46
N TYR B 225 -3.49 -6.57 -17.94
CA TYR B 225 -4.69 -6.79 -18.73
C TYR B 225 -4.81 -5.79 -19.90
N ASP B 226 -4.70 -4.50 -19.61
CA ASP B 226 -4.78 -3.49 -20.65
C ASP B 226 -3.70 -3.74 -21.72
N ALA B 227 -2.49 -4.03 -21.27
CA ALA B 227 -1.36 -4.24 -22.17
C ALA B 227 -1.52 -5.49 -23.04
N ALA B 228 -2.01 -6.56 -22.45
CA ALA B 228 -2.37 -7.76 -23.21
C ALA B 228 -3.38 -7.41 -24.32
N LYS B 229 -4.48 -6.76 -23.94
CA LYS B 229 -5.49 -6.40 -24.92
C LYS B 229 -4.89 -5.58 -26.06
N ALA B 230 -4.15 -4.53 -25.69
CA ALA B 230 -3.54 -3.68 -26.69
C ALA B 230 -2.64 -4.50 -27.63
N SER B 231 -1.76 -5.30 -27.05
CA SER B 231 -0.88 -6.14 -27.84
C SER B 231 -1.65 -7.03 -28.82
N LEU B 232 -2.59 -7.81 -28.32
CA LEU B 232 -3.34 -8.72 -29.17
C LEU B 232 -4.21 -7.97 -30.18
N ALA B 233 -4.54 -6.72 -29.86
CA ALA B 233 -5.26 -5.87 -30.79
C ALA B 233 -4.36 -5.55 -31.98
N LYS B 234 -3.12 -5.17 -31.69
CA LYS B 234 -2.16 -4.86 -32.75
C LYS B 234 -1.53 -6.08 -33.43
N HIS B 235 -1.26 -7.13 -32.65
CA HIS B 235 -0.69 -8.36 -33.19
C HIS B 235 -1.45 -9.54 -32.63
N PRO B 236 -2.51 -9.97 -33.31
CA PRO B 236 -3.27 -11.10 -32.77
C PRO B 236 -2.56 -12.41 -33.06
N ASP B 237 -1.63 -12.37 -33.99
CA ASP B 237 -0.92 -13.59 -34.37
C ASP B 237 0.38 -13.77 -33.59
N VAL B 238 0.27 -14.34 -32.39
CA VAL B 238 1.43 -14.76 -31.60
C VAL B 238 1.15 -16.12 -31.02
N ASP B 239 2.19 -16.92 -30.82
CA ASP B 239 2.05 -18.23 -30.20
C ASP B 239 2.19 -18.22 -28.68
N PHE B 240 2.87 -17.23 -28.13
CA PHE B 240 2.89 -17.09 -26.69
C PHE B 240 3.20 -15.65 -26.29
N ILE B 241 2.80 -15.30 -25.07
CA ILE B 241 3.19 -14.04 -24.48
C ILE B 241 4.10 -14.37 -23.32
N TYR B 242 5.16 -13.59 -23.18
CA TYR B 242 6.07 -13.74 -22.06
C TYR B 242 5.86 -12.54 -21.15
N ALA B 243 5.36 -12.81 -19.94
CA ALA B 243 5.09 -11.75 -18.99
C ALA B 243 6.25 -11.65 -18.00
N CYS B 244 6.61 -10.42 -17.63
CA CYS B 244 7.79 -10.17 -16.80
C CYS B 244 7.51 -10.13 -15.30
N SER B 245 6.25 -10.32 -14.91
CA SER B 245 5.91 -10.40 -13.49
C SER B 245 4.53 -11.02 -13.22
N THR B 246 4.38 -11.47 -11.98
CA THR B 246 3.15 -12.09 -11.48
C THR B 246 1.88 -11.31 -11.80
N ASP B 247 1.81 -10.07 -11.33
CA ASP B 247 0.61 -9.26 -11.59
C ASP B 247 0.35 -9.10 -13.10
N VAL B 248 1.41 -8.76 -13.83
CA VAL B 248 1.28 -8.57 -15.28
C VAL B 248 0.77 -9.86 -15.91
N ALA B 249 1.40 -10.97 -15.57
CA ALA B 249 0.99 -12.30 -16.02
C ALA B 249 -0.50 -12.59 -15.72
N LEU B 250 -0.90 -12.35 -14.48
CA LEU B 250 -2.26 -12.68 -14.06
C LEU B 250 -3.31 -11.76 -14.70
N GLY B 251 -2.90 -10.55 -15.05
CA GLY B 251 -3.76 -9.68 -15.83
C GLY B 251 -3.92 -10.21 -17.24
N ALA B 252 -2.79 -10.58 -17.82
CA ALA B 252 -2.75 -11.12 -19.16
C ALA B 252 -3.65 -12.36 -19.24
N VAL B 253 -3.59 -13.20 -18.21
CA VAL B 253 -4.44 -14.39 -18.13
C VAL B 253 -5.94 -14.08 -18.25
N ASP B 254 -6.39 -13.05 -17.54
CA ASP B 254 -7.78 -12.59 -17.59
C ASP B 254 -8.09 -12.02 -18.96
N ALA B 255 -7.12 -11.32 -19.55
CA ALA B 255 -7.30 -10.78 -20.91
C ALA B 255 -7.47 -11.89 -21.94
N LEU B 256 -6.64 -12.93 -21.84
CA LEU B 256 -6.72 -14.04 -22.76
C LEU B 256 -8.04 -14.78 -22.54
N ALA B 257 -8.46 -14.85 -21.28
CA ALA B 257 -9.78 -15.39 -20.99
C ALA B 257 -10.86 -14.55 -21.70
N GLU B 258 -10.84 -13.24 -21.46
CA GLU B 258 -11.87 -12.38 -22.01
C GLU B 258 -11.91 -12.43 -23.53
N LEU B 259 -10.75 -12.55 -24.15
CA LEU B 259 -10.67 -12.60 -25.61
C LEU B 259 -10.94 -13.97 -26.23
N GLY B 260 -10.90 -15.03 -25.43
CA GLY B 260 -11.06 -16.36 -25.97
C GLY B 260 -9.85 -16.88 -26.76
N ARG B 261 -8.65 -16.63 -26.24
CA ARG B 261 -7.42 -17.07 -26.90
C ARG B 261 -6.76 -18.18 -26.11
N GLU B 262 -7.37 -19.36 -26.11
CA GLU B 262 -6.77 -20.45 -25.38
C GLU B 262 -5.55 -21.00 -26.12
N ASP B 263 -5.33 -20.54 -27.34
CA ASP B 263 -4.18 -20.97 -28.12
C ASP B 263 -2.89 -20.33 -27.63
N ILE B 264 -3.00 -19.13 -27.05
CA ILE B 264 -1.81 -18.40 -26.63
C ILE B 264 -1.31 -18.89 -25.26
N MET B 265 -0.03 -19.29 -25.22
CA MET B 265 0.61 -19.71 -23.98
C MET B 265 1.07 -18.47 -23.18
N ILE B 266 1.22 -18.63 -21.87
CA ILE B 266 1.59 -17.50 -21.01
C ILE B 266 2.20 -18.01 -19.72
N ASN B 267 3.15 -17.25 -19.19
CA ASN B 267 3.88 -17.64 -18.00
C ASN B 267 3.70 -16.68 -16.84
N GLY B 268 4.05 -17.15 -15.66
CA GLY B 268 4.19 -16.30 -14.50
C GLY B 268 5.67 -16.08 -14.28
N TRP B 269 6.03 -15.49 -13.15
CA TRP B 269 7.41 -15.20 -12.83
C TRP B 269 7.49 -14.98 -11.33
N GLY B 270 7.80 -16.03 -10.59
CA GLY B 270 7.97 -15.92 -9.15
C GLY B 270 7.43 -17.14 -8.43
N GLY B 271 6.32 -17.66 -8.93
CA GLY B 271 5.69 -18.83 -8.35
C GLY B 271 5.15 -18.63 -6.94
N GLY B 272 4.45 -17.52 -6.71
CA GLY B 272 3.73 -17.31 -5.47
C GLY B 272 2.45 -18.14 -5.41
N SER B 273 1.58 -17.86 -4.44
CA SER B 273 0.33 -18.59 -4.27
C SER B 273 -0.67 -18.38 -5.40
N ALA B 274 -0.86 -17.14 -5.80
CA ALA B 274 -1.78 -16.84 -6.89
C ALA B 274 -1.32 -17.54 -8.17
N GLU B 275 -0.04 -17.40 -8.50
CA GLU B 275 0.52 -18.11 -9.66
C GLU B 275 0.26 -19.61 -9.59
N LEU B 276 0.58 -20.24 -8.46
CA LEU B 276 0.42 -21.69 -8.32
C LEU B 276 -1.05 -22.09 -8.48
N ASP B 277 -1.94 -21.31 -7.86
CA ASP B 277 -3.35 -21.65 -7.97
C ASP B 277 -3.77 -21.54 -9.44
N ALA B 278 -3.26 -20.53 -10.14
CA ALA B 278 -3.57 -20.39 -11.56
C ALA B 278 -3.00 -21.54 -12.39
N ILE B 279 -1.77 -21.95 -12.04
CA ILE B 279 -1.12 -23.07 -12.72
C ILE B 279 -2.02 -24.30 -12.59
N GLN B 280 -2.37 -24.64 -11.36
CA GLN B 280 -3.21 -25.81 -11.11
C GLN B 280 -4.61 -25.67 -11.73
N LYS B 281 -5.20 -24.47 -11.72
CA LYS B 281 -6.44 -24.23 -12.47
C LYS B 281 -6.23 -24.42 -13.99
N GLY B 282 -4.99 -24.30 -14.46
CA GLY B 282 -4.68 -24.48 -15.87
C GLY B 282 -4.67 -23.20 -16.69
N ASP B 283 -4.79 -22.06 -16.02
CA ASP B 283 -4.86 -20.76 -16.69
C ASP B 283 -3.48 -20.17 -16.95
N LEU B 284 -2.51 -20.60 -16.14
CA LEU B 284 -1.10 -20.25 -16.31
C LEU B 284 -0.39 -21.54 -16.69
N ASP B 285 0.57 -21.45 -17.62
CA ASP B 285 1.08 -22.65 -18.31
C ASP B 285 2.35 -23.15 -17.71
N ILE B 286 3.29 -22.23 -17.50
CA ILE B 286 4.57 -22.53 -16.87
C ILE B 286 4.96 -21.36 -16.00
N THR B 287 5.85 -21.58 -15.07
CA THR B 287 6.45 -20.46 -14.34
C THR B 287 7.76 -20.89 -13.73
N VAL B 288 8.54 -19.91 -13.32
CA VAL B 288 9.74 -20.19 -12.54
C VAL B 288 9.49 -19.83 -11.09
N MET B 289 9.38 -20.86 -10.26
CA MET B 289 9.03 -20.70 -8.86
C MET B 289 10.28 -20.60 -7.99
N ARG B 290 10.33 -19.57 -7.15
CA ARG B 290 11.48 -19.41 -6.26
C ARG B 290 11.19 -19.98 -4.87
N MET B 291 12.24 -20.47 -4.22
CA MET B 291 12.13 -21.02 -2.87
C MET B 291 12.06 -19.85 -1.88
N ASN B 292 10.89 -19.22 -1.91
CA ASN B 292 10.64 -17.90 -1.37
C ASN B 292 11.31 -17.53 -0.07
N ASP B 293 11.02 -18.30 0.97
CA ASP B 293 11.36 -17.88 2.32
C ASP B 293 12.87 -17.81 2.56
N ASP B 294 13.68 -18.35 1.64
CA ASP B 294 15.13 -18.39 1.83
C ASP B 294 15.74 -17.00 1.94
N THR B 295 15.26 -16.07 1.12
CA THR B 295 15.77 -14.70 1.14
C THR B 295 15.36 -13.93 2.40
N GLY B 296 14.24 -14.30 2.99
CA GLY B 296 13.82 -13.69 4.24
C GLY B 296 14.65 -14.21 5.39
N ILE B 297 14.86 -15.52 5.41
CA ILE B 297 15.72 -16.17 6.39
C ILE B 297 17.17 -15.69 6.25
N ALA B 298 17.55 -15.34 5.03
CA ALA B 298 18.92 -14.86 4.77
C ALA B 298 19.14 -13.50 5.40
N MET B 299 18.28 -12.54 5.07
CA MET B 299 18.35 -11.21 5.65
C MET B 299 18.46 -11.31 7.16
N ALA B 300 17.71 -12.25 7.73
CA ALA B 300 17.67 -12.44 9.17
C ALA B 300 19.02 -12.92 9.65
N GLU B 301 19.69 -13.72 8.84
CA GLU B 301 20.95 -14.29 9.26
C GLU B 301 22.02 -13.23 9.14
N ALA B 302 22.10 -12.62 7.96
CA ALA B 302 23.06 -11.55 7.69
C ALA B 302 23.08 -10.54 8.83
N ILE B 303 21.90 -10.14 9.27
CA ILE B 303 21.75 -9.23 10.39
C ILE B 303 22.28 -9.86 11.69
N LYS B 304 22.14 -11.17 11.83
CA LYS B 304 22.67 -11.83 13.02
C LYS B 304 24.19 -11.74 13.00
N TRP B 305 24.79 -12.33 11.96
CA TRP B 305 26.23 -12.31 11.79
C TRP B 305 26.83 -10.92 12.00
N ASP B 306 26.11 -9.89 11.57
CA ASP B 306 26.60 -8.53 11.75
C ASP B 306 26.63 -8.20 13.23
N LEU B 307 25.59 -8.60 13.96
CA LEU B 307 25.48 -8.25 15.38
C LEU B 307 26.55 -8.97 16.19
N GLU B 308 27.05 -10.07 15.64
CA GLU B 308 28.12 -10.82 16.24
C GLU B 308 29.49 -10.41 15.66
N ASP B 309 29.54 -9.25 15.02
CA ASP B 309 30.77 -8.73 14.43
C ASP B 309 31.46 -9.75 13.53
N LYS B 310 30.67 -10.50 12.75
CA LYS B 310 31.18 -11.43 11.75
C LYS B 310 31.03 -10.83 10.36
N PRO B 311 31.93 -11.18 9.43
CA PRO B 311 31.78 -10.70 8.05
C PRO B 311 30.52 -11.25 7.36
N VAL B 312 29.79 -10.37 6.69
CA VAL B 312 28.57 -10.70 5.96
C VAL B 312 28.81 -10.60 4.46
N PRO B 313 28.32 -11.59 3.68
CA PRO B 313 28.57 -11.53 2.23
C PRO B 313 27.77 -10.43 1.54
N THR B 314 28.36 -9.80 0.55
CA THR B 314 27.72 -8.71 -0.18
C THR B 314 26.49 -9.17 -0.99
N VAL B 315 26.42 -10.45 -1.30
CA VAL B 315 25.36 -10.94 -2.19
C VAL B 315 24.84 -12.33 -1.79
N TYR B 316 23.54 -12.54 -2.00
CA TYR B 316 22.91 -13.85 -1.82
C TYR B 316 21.71 -14.03 -2.77
N SER B 317 21.74 -15.12 -3.54
CA SER B 317 20.65 -15.45 -4.46
C SER B 317 20.02 -16.81 -4.13
N GLY B 318 18.70 -16.80 -3.95
CA GLY B 318 17.95 -18.00 -3.60
C GLY B 318 17.75 -18.89 -4.80
N ASP B 319 17.19 -20.08 -4.60
CA ASP B 319 17.10 -21.11 -5.66
C ASP B 319 15.78 -21.10 -6.41
N PHE B 320 15.81 -21.66 -7.62
CA PHE B 320 14.67 -21.68 -8.52
C PHE B 320 14.24 -23.10 -8.92
N GLU B 321 12.94 -23.26 -9.21
CA GLU B 321 12.42 -24.53 -9.76
C GLU B 321 11.36 -24.20 -10.80
N ILE B 322 11.48 -24.82 -11.98
CA ILE B 322 10.48 -24.64 -13.03
C ILE B 322 9.23 -25.42 -12.64
N VAL B 323 8.07 -24.86 -12.96
CA VAL B 323 6.81 -25.51 -12.67
C VAL B 323 5.83 -25.33 -13.83
N THR B 324 5.27 -26.44 -14.31
CA THR B 324 4.28 -26.42 -15.38
C THR B 324 2.96 -26.98 -14.89
N LYS B 325 1.92 -26.82 -15.71
CA LYS B 325 0.62 -27.31 -15.30
C LYS B 325 0.53 -28.84 -15.35
N ALA B 326 1.58 -29.48 -15.85
CA ALA B 326 1.65 -30.94 -15.92
C ALA B 326 2.34 -31.52 -14.69
N ASP B 327 2.70 -30.66 -13.74
CA ASP B 327 3.31 -31.12 -12.50
C ASP B 327 2.18 -31.63 -11.62
N SER B 328 2.43 -32.73 -10.92
CA SER B 328 1.41 -33.35 -10.09
C SER B 328 1.20 -32.48 -8.84
N PRO B 329 0.04 -32.60 -8.18
CA PRO B 329 -0.22 -31.87 -6.94
C PRO B 329 0.81 -32.18 -5.86
N GLU B 330 1.36 -33.40 -5.91
CA GLU B 330 2.40 -33.81 -4.97
C GLU B 330 3.66 -32.96 -5.15
N ARG B 331 4.10 -32.81 -6.39
CA ARG B 331 5.28 -32.00 -6.68
C ARG B 331 5.04 -30.57 -6.17
N ILE B 332 3.88 -30.03 -6.51
CA ILE B 332 3.50 -28.70 -6.08
C ILE B 332 3.53 -28.63 -4.56
N GLU B 333 3.07 -29.68 -3.89
CA GLU B 333 3.04 -29.68 -2.44
C GLU B 333 4.44 -29.74 -1.82
N ALA B 334 5.32 -30.54 -2.40
CA ALA B 334 6.71 -30.55 -1.94
C ALA B 334 7.33 -29.16 -2.12
N LEU B 335 7.14 -28.59 -3.30
CA LEU B 335 7.70 -27.26 -3.57
C LEU B 335 7.17 -26.23 -2.59
N LYS B 336 5.85 -26.20 -2.38
CA LYS B 336 5.26 -25.33 -1.37
C LYS B 336 5.90 -25.58 -0.01
N LYS B 337 6.02 -26.85 0.36
CA LYS B 337 6.62 -27.25 1.64
C LYS B 337 7.98 -26.59 1.83
N ARG B 338 8.79 -26.61 0.79
CA ARG B 338 10.11 -25.96 0.84
C ARG B 338 10.02 -24.44 0.82
N ALA B 339 9.33 -23.91 -0.19
CA ALA B 339 9.32 -22.49 -0.46
C ALA B 339 8.71 -21.69 0.68
N PHE B 340 7.63 -22.20 1.24
CA PHE B 340 6.85 -21.47 2.24
C PHE B 340 7.01 -22.04 3.64
N ARG B 341 8.18 -22.61 3.94
CA ARG B 341 8.42 -23.29 5.20
C ARG B 341 8.19 -22.40 6.42
N TYR B 342 8.38 -21.09 6.25
CA TYR B 342 8.21 -20.13 7.34
C TYR B 342 6.96 -19.28 7.14
N SER B 343 6.73 -18.84 5.90
CA SER B 343 5.59 -17.97 5.61
C SER B 343 4.26 -18.73 5.57
N ASP B 344 4.33 -20.06 5.50
CA ASP B 344 3.15 -20.92 5.48
C ASP B 344 2.22 -20.65 4.28
MG MG C . -19.37 27.07 13.32
MG MG D . 4.80 20.23 21.90
C8 A1B E . -8.30 13.55 5.24
O1 A1B E . -7.39 14.07 6.21
C7 A1B E . -8.82 14.66 4.41
O12 A1B E . -9.16 14.22 3.10
C6 A1B E . -10.04 15.14 5.13
O5 A1B E . -10.52 13.98 5.97
C4 A1B E . -9.42 12.97 5.95
C11 A1B E . -9.87 11.71 5.25
O3 A1B E . -9.02 12.71 7.25
B A1B E . -7.72 13.37 7.46
O10 A1B E . -6.73 12.39 7.65
O9 A1B E . -7.71 14.28 8.56
CA CA F . 16.10 -3.77 -24.39
C8 A1B G . 7.47 -8.80 -7.61
O1 A1B G . 6.51 -9.53 -8.39
C7 A1B G . 7.76 -7.48 -8.23
O12 A1B G . 8.03 -6.46 -7.26
C6 A1B G . 8.97 -7.66 -9.06
O5 A1B G . 9.64 -8.90 -8.55
C4 A1B G . 8.71 -9.54 -7.59
C11 A1B G . 9.30 -9.57 -6.21
O3 A1B G . 8.48 -10.81 -8.05
B A1B G . 7.16 -10.80 -8.72
O10 A1B G . 6.38 -11.86 -8.18
O9 A1B G . 7.33 -10.95 -10.12
#